data_6S51
#
_entry.id   6S51
#
_cell.length_a   128.077
_cell.length_b   128.077
_cell.length_c   115.801
_cell.angle_alpha   90.00
_cell.angle_beta   90.00
_cell.angle_gamma   90.00
#
_symmetry.space_group_name_H-M   'P 43 21 2'
#
loop_
_entity.id
_entity.type
_entity.pdbx_description
1 polymer 'Glycogen phosphorylase, muscle form'
2 non-polymer (2~{R},3~{S},4~{R},5~{R},6~{S})-2-(hydroxymethyl)-6-(2-phenyl-1,3-thiazol-4-yl)oxane-3,4,5-triol
3 non-polymer "PYRIDOXAL-5'-PHOSPHATE"
4 water water
#
_entity_poly.entity_id   1
_entity_poly.type   'polypeptide(L)'
_entity_poly.pdbx_seq_one_letter_code
;MSRPLSDQEKRKQISVRGLAGVENVTELKKNFNRHLHFTLVKDRNVATPRDYYFALAHTVRDHLVGRWIRTQQHYYEKDP
KRIYYLSLEFYMGRTLQNTMVNLALENACDEATYQLGLDMEELEEIEEDAGLGNGGLGRLAACFLDSMATLGLAAYGYGI
RYEFGIFNQKICGGWQMEEADDWLRYGNPWEKARPEFTLPVHFYGRVEHTSQGAKWVDTQVVLAMPYDTPVPGYRNNVVN
TMRLWSAKAPNDFNLKDFNVGGYIQAVLDRNLAENISRVLYPNDNFFEGKELRLKQEYFVVAATLQDIIRRFKSSKFGCR
DPVRTNFDAFPDKVAIQLNDTHPSLAIPELMRVLVDLERLDWDKAWEVTVKTCAYTNHTVLPEALERWPVHLLETLLPRH
LQIIYEINQRFLNRVAAAFPGDVDRLRRMSLVEEGAVKRINMAHLCIAGSHAVNGVARIHSEILKKTIFKDFYELEPHKF
QNKTNGITPRRWLVLCNPGLAEIIAERIGEEYISDLDQLRKLLSYVDDEAFIRDVAKVKQENKLKFAAYLEREYKVHINP
NSLFDVQVKRIHEYKRQLLNCLHVITLYNRIKKEPNKFVVPRTVMIGGKAAPGYHMAKMIIKLITAIGDVVNHDPVVGDR
LRVIFLENYRVSLAEKVIPAADLSEQISTAGTEASGTGNMKFMLNGALTIGTMDGANVEMAEEAGEENFFIFGMRVEDVD
RLDQRGYNAQEYYDRIPELRQIIEQLSSGFFSPKQPDLFKDIVNMLMHHDRFKVFADYEEYVKCQERVSALYKNPREWTR
MVIRNIATSGKFSSDRTIAQYAREIWGVEPSRQRLPAPDEKIP
;
_entity_poly.pdbx_strand_id   A
#
loop_
_chem_comp.id
_chem_comp.type
_chem_comp.name
_chem_comp.formula
KVQ non-polymer (2~{R},3~{S},4~{R},5~{R},6~{S})-2-(hydroxymethyl)-6-(2-phenyl-1,3-thiazol-4-yl)oxane-3,4,5-triol 'C15 H17 N O5 S'
PLP non-polymer PYRIDOXAL-5'-PHOSPHATE 'C8 H10 N O6 P'
#
# COMPACT_ATOMS: atom_id res chain seq x y z
N GLN A 13 6.47 -0.87 -31.33
CA GLN A 13 6.94 0.55 -31.31
C GLN A 13 8.26 0.67 -30.53
N ILE A 14 8.27 0.36 -29.21
CA ILE A 14 9.44 0.47 -28.28
C ILE A 14 9.87 -0.93 -27.82
N SER A 15 11.18 -1.13 -27.61
CA SER A 15 11.85 -2.47 -27.53
C SER A 15 11.39 -3.28 -26.29
N VAL A 16 11.28 -2.66 -25.11
CA VAL A 16 10.98 -3.33 -23.80
C VAL A 16 9.51 -3.77 -23.75
N ARG A 17 8.67 -3.41 -24.74
CA ARG A 17 7.27 -3.89 -24.83
C ARG A 17 7.18 -5.24 -25.59
N GLY A 18 8.29 -5.79 -26.10
CA GLY A 18 8.37 -7.14 -26.73
C GLY A 18 8.16 -7.12 -28.24
N LEU A 19 8.07 -8.30 -28.86
CA LEU A 19 7.93 -8.50 -30.34
C LEU A 19 6.44 -8.54 -30.73
N ALA A 20 6.09 -7.92 -31.85
CA ALA A 20 4.81 -8.11 -32.55
C ALA A 20 5.06 -9.01 -33.76
N GLY A 21 5.22 -10.31 -33.55
CA GLY A 21 5.32 -11.33 -34.62
C GLY A 21 4.05 -11.42 -35.45
N VAL A 22 4.17 -11.72 -36.74
CA VAL A 22 3.02 -11.83 -37.68
C VAL A 22 2.02 -12.88 -37.15
N GLU A 23 2.49 -14.06 -36.70
CA GLU A 23 1.66 -15.18 -36.17
C GLU A 23 0.95 -14.71 -34.89
N ASN A 24 1.71 -14.27 -33.89
CA ASN A 24 1.15 -13.71 -32.63
C ASN A 24 0.03 -12.71 -32.91
N VAL A 25 0.22 -11.74 -33.80
CA VAL A 25 -0.75 -10.63 -34.00
C VAL A 25 -2.03 -11.20 -34.60
N THR A 26 -1.90 -12.06 -35.62
CA THR A 26 -3.01 -12.76 -36.34
C THR A 26 -3.85 -13.56 -35.32
N GLU A 27 -3.18 -14.27 -34.42
CA GLU A 27 -3.80 -15.14 -33.38
C GLU A 27 -4.52 -14.26 -32.33
N LEU A 28 -3.91 -13.17 -31.87
CA LEU A 28 -4.55 -12.23 -30.94
C LEU A 28 -5.82 -11.66 -31.57
N LYS A 29 -5.78 -11.31 -32.87
CA LYS A 29 -6.96 -10.79 -33.58
C LYS A 29 -8.06 -11.87 -33.68
N LYS A 30 -7.75 -13.10 -34.08
CA LYS A 30 -8.76 -14.18 -34.19
C LYS A 30 -9.50 -14.33 -32.85
N ASN A 31 -8.76 -14.41 -31.76
CA ASN A 31 -9.26 -14.71 -30.39
C ASN A 31 -10.01 -13.50 -29.84
N PHE A 32 -9.65 -12.28 -30.22
CA PHE A 32 -10.35 -11.05 -29.80
C PHE A 32 -11.76 -11.06 -30.42
N ASN A 33 -11.86 -11.41 -31.69
CA ASN A 33 -13.14 -11.56 -32.44
C ASN A 33 -13.92 -12.77 -31.91
N ARG A 34 -13.25 -13.86 -31.53
CA ARG A 34 -13.95 -15.04 -30.93
C ARG A 34 -14.62 -14.58 -29.61
N HIS A 35 -13.89 -13.93 -28.70
CA HIS A 35 -14.47 -13.48 -27.41
C HIS A 35 -15.59 -12.43 -27.62
N LEU A 36 -15.45 -11.52 -28.59
CA LEU A 36 -16.47 -10.46 -28.80
C LEU A 36 -17.80 -11.17 -29.15
N HIS A 37 -17.75 -12.14 -30.08
CA HIS A 37 -18.88 -12.99 -30.55
C HIS A 37 -19.34 -13.92 -29.41
N PHE A 38 -18.52 -14.91 -29.02
CA PHE A 38 -18.99 -16.02 -28.15
C PHE A 38 -19.06 -15.57 -26.69
N THR A 39 -18.11 -14.80 -26.19
CA THR A 39 -18.04 -14.47 -24.75
C THR A 39 -18.97 -13.30 -24.41
N LEU A 40 -18.99 -12.28 -25.25
CA LEU A 40 -19.70 -11.01 -24.96
C LEU A 40 -21.03 -10.97 -25.71
N VAL A 41 -21.23 -11.83 -26.71
CA VAL A 41 -22.50 -11.91 -27.49
C VAL A 41 -22.83 -10.51 -28.00
N LYS A 42 -21.87 -9.93 -28.71
CA LYS A 42 -21.92 -8.62 -29.39
C LYS A 42 -21.41 -8.84 -30.83
N ASP A 43 -21.95 -8.15 -31.84
CA ASP A 43 -21.30 -7.99 -33.18
C ASP A 43 -20.57 -6.65 -33.15
N ARG A 44 -19.78 -6.35 -34.17
CA ARG A 44 -18.90 -5.15 -34.18
C ARG A 44 -19.76 -3.87 -34.29
N ASN A 45 -21.02 -3.97 -34.77
CA ASN A 45 -21.92 -2.82 -35.02
C ASN A 45 -22.55 -2.27 -33.73
N VAL A 46 -22.54 -3.01 -32.62
CA VAL A 46 -23.19 -2.54 -31.36
C VAL A 46 -22.19 -2.49 -30.20
N ALA A 47 -21.01 -3.08 -30.37
CA ALA A 47 -19.93 -3.07 -29.36
C ALA A 47 -19.58 -1.62 -28.98
N THR A 48 -19.43 -1.38 -27.67
CA THR A 48 -18.92 -0.12 -27.07
C THR A 48 -17.43 -0.29 -26.76
N PRO A 49 -16.70 0.81 -26.51
CA PRO A 49 -15.32 0.66 -26.01
C PRO A 49 -15.24 -0.35 -24.86
N ARG A 50 -16.25 -0.45 -23.99
CA ARG A 50 -16.21 -1.36 -22.82
C ARG A 50 -16.26 -2.83 -23.28
N ASP A 51 -17.05 -3.16 -24.31
CA ASP A 51 -17.02 -4.52 -24.89
C ASP A 51 -15.63 -4.83 -25.47
N TYR A 52 -15.01 -3.88 -26.16
CA TYR A 52 -13.65 -4.05 -26.73
C TYR A 52 -12.64 -4.29 -25.61
N TYR A 53 -12.71 -3.55 -24.50
CA TYR A 53 -11.81 -3.77 -23.32
C TYR A 53 -11.96 -5.23 -22.85
N PHE A 54 -13.21 -5.71 -22.74
CA PHE A 54 -13.51 -7.06 -22.19
C PHE A 54 -12.97 -8.15 -23.13
N ALA A 55 -13.14 -7.99 -24.43
CA ALA A 55 -12.68 -8.97 -25.44
C ALA A 55 -11.16 -9.09 -25.34
N LEU A 56 -10.48 -7.96 -25.23
CA LEU A 56 -9.01 -7.92 -25.02
C LEU A 56 -8.65 -8.56 -23.68
N ALA A 57 -9.32 -8.18 -22.59
CA ALA A 57 -9.07 -8.77 -21.25
C ALA A 57 -9.13 -10.29 -21.36
N HIS A 58 -10.22 -10.83 -21.91
CA HIS A 58 -10.42 -12.30 -22.07
C HIS A 58 -9.30 -12.91 -22.92
N THR A 59 -8.84 -12.19 -23.94
CA THR A 59 -7.81 -12.65 -24.90
C THR A 59 -6.46 -12.77 -24.19
N VAL A 60 -6.10 -11.81 -23.33
CA VAL A 60 -4.82 -11.84 -22.57
C VAL A 60 -4.95 -12.88 -21.44
N ARG A 61 -6.09 -12.97 -20.77
CA ARG A 61 -6.34 -13.97 -19.71
C ARG A 61 -6.08 -15.38 -20.26
N ASP A 62 -6.44 -15.63 -21.52
CA ASP A 62 -6.25 -16.95 -22.16
C ASP A 62 -4.75 -17.32 -22.14
N HIS A 63 -3.82 -16.38 -22.31
CA HIS A 63 -2.36 -16.63 -22.26
C HIS A 63 -1.88 -16.95 -20.83
N LEU A 64 -2.59 -16.49 -19.81
CA LEU A 64 -2.26 -16.78 -18.38
C LEU A 64 -2.53 -18.26 -18.06
N VAL A 65 -3.50 -18.89 -18.71
CA VAL A 65 -4.25 -20.06 -18.16
C VAL A 65 -3.33 -21.30 -18.16
N GLY A 66 -2.64 -21.56 -19.26
CA GLY A 66 -1.68 -22.67 -19.38
C GLY A 66 -0.63 -22.55 -18.30
N ARG A 67 -0.05 -21.35 -18.18
CA ARG A 67 1.05 -21.06 -17.23
C ARG A 67 0.57 -21.26 -15.77
N TRP A 68 -0.63 -20.78 -15.45
CA TRP A 68 -1.26 -20.91 -14.12
C TRP A 68 -1.40 -22.38 -13.74
N ILE A 69 -2.03 -23.18 -14.62
CA ILE A 69 -2.27 -24.65 -14.43
C ILE A 69 -0.93 -25.37 -14.27
N ARG A 70 0.05 -25.11 -15.14
CA ARG A 70 1.36 -25.78 -15.11
C ARG A 70 2.12 -25.38 -13.83
N THR A 71 2.03 -24.12 -13.41
CA THR A 71 2.71 -23.63 -12.17
C THR A 71 2.15 -24.33 -10.94
N GLN A 72 0.82 -24.42 -10.80
CA GLN A 72 0.15 -25.01 -9.61
C GLN A 72 0.47 -26.51 -9.60
N GLN A 73 0.40 -27.15 -10.76
CA GLN A 73 0.87 -28.54 -11.01
C GLN A 73 2.31 -28.73 -10.49
N HIS A 74 3.25 -27.91 -10.96
CA HIS A 74 4.70 -28.01 -10.63
C HIS A 74 4.87 -27.96 -9.11
N TYR A 75 4.14 -27.09 -8.39
CA TYR A 75 4.23 -26.96 -6.92
C TYR A 75 3.72 -28.23 -6.25
N TYR A 76 2.78 -28.95 -6.87
CA TYR A 76 2.27 -30.24 -6.33
C TYR A 76 3.37 -31.31 -6.47
N GLU A 77 4.05 -31.39 -7.61
CA GLU A 77 5.16 -32.35 -7.87
C GLU A 77 6.31 -32.03 -6.92
N LYS A 78 6.89 -30.84 -7.03
CA LYS A 78 8.16 -30.48 -6.32
C LYS A 78 7.87 -30.30 -4.83
N ASP A 79 6.64 -29.99 -4.44
CA ASP A 79 6.26 -29.82 -3.02
C ASP A 79 7.27 -28.94 -2.29
N PRO A 80 7.55 -27.70 -2.78
CA PRO A 80 8.49 -26.80 -2.11
C PRO A 80 7.80 -26.30 -0.84
N LYS A 81 8.54 -25.63 0.01
CA LYS A 81 7.96 -24.83 1.12
C LYS A 81 7.04 -23.76 0.51
N ARG A 82 5.84 -23.63 1.08
CA ARG A 82 4.78 -22.69 0.61
C ARG A 82 4.78 -21.44 1.49
N ILE A 83 4.78 -20.26 0.87
CA ILE A 83 4.63 -18.95 1.55
C ILE A 83 3.18 -18.48 1.46
N TYR A 84 2.62 -18.11 2.61
CA TYR A 84 1.24 -17.59 2.74
C TYR A 84 1.34 -16.16 3.26
N TYR A 85 1.01 -15.20 2.41
CA TYR A 85 0.98 -13.76 2.72
C TYR A 85 -0.45 -13.39 3.13
N LEU A 86 -0.72 -13.30 4.43
CA LEU A 86 -2.04 -12.93 4.98
C LEU A 86 -2.12 -11.41 5.13
N SER A 87 -3.03 -10.78 4.38
CA SER A 87 -3.27 -9.31 4.40
C SER A 87 -4.78 -9.08 4.34
N LEU A 88 -5.29 -8.08 5.04
CA LEU A 88 -6.71 -7.65 4.89
C LEU A 88 -6.79 -6.78 3.63
N GLU A 89 -5.64 -6.41 3.05
CA GLU A 89 -5.61 -5.47 1.90
C GLU A 89 -4.64 -5.97 0.83
N PHE A 90 -5.12 -5.98 -0.41
CA PHE A 90 -4.30 -6.08 -1.65
C PHE A 90 -4.72 -4.95 -2.58
N TYR A 91 -3.92 -3.89 -2.67
CA TYR A 91 -4.21 -2.73 -3.54
C TYR A 91 -3.64 -3.03 -4.93
N MET A 92 -4.40 -3.78 -5.73
CA MET A 92 -3.93 -4.38 -7.01
C MET A 92 -3.90 -3.37 -8.16
N GLY A 93 -4.87 -2.47 -8.21
CA GLY A 93 -5.07 -1.53 -9.33
C GLY A 93 -5.55 -2.30 -10.54
N ARG A 94 -5.14 -1.90 -11.75
CA ARG A 94 -5.58 -2.57 -12.99
C ARG A 94 -4.64 -3.74 -13.27
N THR A 95 -5.17 -4.77 -13.94
CA THR A 95 -4.50 -6.07 -14.22
C THR A 95 -4.05 -6.17 -15.68
N LEU A 96 -4.75 -5.54 -16.63
CA LEU A 96 -4.59 -5.83 -18.09
C LEU A 96 -3.16 -5.53 -18.58
N GLN A 97 -2.69 -4.29 -18.37
CA GLN A 97 -1.33 -3.85 -18.85
C GLN A 97 -0.29 -4.66 -18.10
N ASN A 98 -0.48 -4.88 -16.80
CA ASN A 98 0.48 -5.65 -15.97
C ASN A 98 0.63 -7.05 -16.54
N THR A 99 -0.46 -7.67 -16.95
CA THR A 99 -0.44 -9.05 -17.49
C THR A 99 0.36 -9.01 -18.80
N MET A 100 0.09 -8.03 -19.67
CA MET A 100 0.72 -7.91 -21.01
C MET A 100 2.23 -7.72 -20.83
N VAL A 101 2.61 -6.77 -19.99
CA VAL A 101 4.04 -6.49 -19.63
C VAL A 101 4.72 -7.80 -19.24
N ASN A 102 4.14 -8.57 -18.31
CA ASN A 102 4.81 -9.73 -17.69
C ASN A 102 4.81 -10.93 -18.62
N LEU A 103 3.92 -10.96 -19.63
CA LEU A 103 3.85 -12.06 -20.63
C LEU A 103 4.49 -11.62 -21.95
N ALA A 104 5.03 -10.40 -22.01
CA ALA A 104 5.72 -9.82 -23.19
C ALA A 104 4.76 -9.67 -24.38
N LEU A 105 3.48 -9.34 -24.11
CA LEU A 105 2.40 -9.29 -25.13
C LEU A 105 2.07 -7.85 -25.50
N GLU A 106 2.74 -6.87 -24.89
CA GLU A 106 2.28 -5.47 -24.98
C GLU A 106 2.31 -4.96 -26.44
N ASN A 107 3.42 -5.14 -27.18
CA ASN A 107 3.52 -4.65 -28.57
C ASN A 107 2.58 -5.48 -29.45
N ALA A 108 2.52 -6.80 -29.25
CA ALA A 108 1.67 -7.70 -30.05
C ALA A 108 0.20 -7.25 -29.93
N CYS A 109 -0.26 -6.95 -28.70
CA CYS A 109 -1.64 -6.51 -28.44
C CYS A 109 -1.83 -5.09 -28.98
N ASP A 110 -0.86 -4.20 -28.84
CA ASP A 110 -0.95 -2.85 -29.45
C ASP A 110 -1.21 -3.01 -30.96
N GLU A 111 -0.38 -3.81 -31.62
CA GLU A 111 -0.42 -4.08 -33.07
C GLU A 111 -1.78 -4.69 -33.44
N ALA A 112 -2.19 -5.76 -32.74
CA ALA A 112 -3.44 -6.51 -33.01
C ALA A 112 -4.65 -5.60 -32.85
N THR A 113 -4.64 -4.70 -31.87
CA THR A 113 -5.79 -3.79 -31.60
C THR A 113 -5.78 -2.66 -32.63
N TYR A 114 -4.62 -2.09 -32.94
CA TYR A 114 -4.41 -1.09 -34.01
C TYR A 114 -4.98 -1.61 -35.35
N GLN A 115 -4.73 -2.87 -35.72
CA GLN A 115 -5.19 -3.43 -37.02
C GLN A 115 -6.71 -3.60 -37.05
N LEU A 116 -7.37 -3.78 -35.89
CA LEU A 116 -8.85 -3.79 -35.75
C LEU A 116 -9.39 -2.36 -35.58
N GLY A 117 -8.56 -1.33 -35.71
CA GLY A 117 -8.96 0.09 -35.65
C GLY A 117 -9.27 0.53 -34.23
N LEU A 118 -8.64 -0.07 -33.22
CA LEU A 118 -8.89 0.31 -31.81
C LEU A 118 -7.59 0.87 -31.23
N ASP A 119 -7.70 1.74 -30.23
CA ASP A 119 -6.53 2.27 -29.47
C ASP A 119 -6.49 1.51 -28.14
N MET A 120 -5.50 0.62 -27.96
CA MET A 120 -5.31 -0.16 -26.72
C MET A 120 -5.31 0.76 -25.50
N GLU A 121 -4.68 1.94 -25.58
CA GLU A 121 -4.56 2.85 -24.41
C GLU A 121 -5.94 3.33 -23.95
N GLU A 122 -6.83 3.59 -24.90
CA GLU A 122 -8.23 4.01 -24.64
C GLU A 122 -8.97 2.86 -23.93
N LEU A 123 -8.73 1.61 -24.34
CA LEU A 123 -9.40 0.41 -23.74
C LEU A 123 -8.84 0.13 -22.34
N GLU A 124 -7.53 0.37 -22.13
CA GLU A 124 -6.84 0.19 -20.82
C GLU A 124 -7.53 1.07 -19.78
N GLU A 125 -7.96 2.27 -20.18
CA GLU A 125 -8.52 3.33 -19.31
C GLU A 125 -9.91 2.95 -18.79
N ILE A 126 -10.54 1.92 -19.36
CA ILE A 126 -11.92 1.46 -19.02
C ILE A 126 -11.86 0.47 -17.87
N GLU A 127 -10.70 -0.12 -17.58
CA GLU A 127 -10.55 -1.09 -16.45
C GLU A 127 -10.72 -0.34 -15.12
N GLU A 128 -11.55 -0.90 -14.22
CA GLU A 128 -11.67 -0.43 -12.83
C GLU A 128 -10.42 -0.88 -12.08
N ASP A 129 -9.81 -0.01 -11.28
CA ASP A 129 -8.88 -0.43 -10.20
C ASP A 129 -9.53 -1.49 -9.32
N ALA A 130 -8.86 -2.60 -9.06
CA ALA A 130 -9.14 -3.43 -7.87
C ALA A 130 -8.60 -2.68 -6.64
N GLY A 131 -9.43 -1.82 -6.05
CA GLY A 131 -9.01 -0.92 -4.96
C GLY A 131 -9.24 -1.55 -3.59
N LEU A 132 -8.77 -2.77 -3.39
CA LEU A 132 -9.00 -3.52 -2.14
C LEU A 132 -7.91 -3.14 -1.12
N GLY A 133 -7.63 -1.84 -0.98
CA GLY A 133 -6.68 -1.35 0.04
C GLY A 133 -6.77 0.16 0.24
N ASN A 134 -6.10 0.66 1.28
CA ASN A 134 -6.18 2.09 1.71
C ASN A 134 -5.02 2.87 1.11
N GLY A 135 -3.84 2.27 1.05
CA GLY A 135 -2.63 2.95 0.57
C GLY A 135 -1.42 2.07 0.69
N GLY A 136 -0.41 2.54 1.44
CA GLY A 136 0.96 1.97 1.46
C GLY A 136 0.93 0.47 1.74
N LEU A 137 0.19 0.06 2.77
CA LEU A 137 0.19 -1.33 3.27
C LEU A 137 -0.46 -2.25 2.22
N GLY A 138 -1.61 -1.85 1.68
CA GLY A 138 -2.30 -2.70 0.70
C GLY A 138 -1.48 -2.81 -0.56
N ARG A 139 -0.80 -1.73 -0.93
CA ARG A 139 -0.02 -1.65 -2.20
C ARG A 139 1.28 -2.44 -2.03
N LEU A 140 1.80 -2.53 -0.81
CA LEU A 140 3.02 -3.32 -0.51
C LEU A 140 2.70 -4.80 -0.72
N ALA A 141 1.48 -5.19 -0.36
CA ALA A 141 0.99 -6.57 -0.52
C ALA A 141 0.97 -6.90 -2.01
N ALA A 142 0.52 -5.97 -2.86
CA ALA A 142 0.44 -6.14 -4.33
C ALA A 142 1.83 -6.18 -4.96
N CYS A 143 2.75 -5.31 -4.54
CA CYS A 143 4.15 -5.28 -5.05
C CYS A 143 4.87 -6.58 -4.68
N PHE A 144 4.66 -7.04 -3.45
CA PHE A 144 5.15 -8.33 -2.92
C PHE A 144 4.69 -9.50 -3.77
N LEU A 145 3.40 -9.61 -4.13
CA LEU A 145 2.87 -10.78 -4.91
C LEU A 145 3.61 -10.86 -6.26
N ASP A 146 3.79 -9.70 -6.89
CA ASP A 146 4.52 -9.52 -8.16
C ASP A 146 5.96 -9.98 -7.97
N SER A 147 6.64 -9.55 -6.91
CA SER A 147 8.05 -9.92 -6.67
C SER A 147 8.14 -11.42 -6.32
N MET A 148 7.18 -11.96 -5.57
CA MET A 148 7.21 -13.39 -5.20
C MET A 148 7.07 -14.27 -6.45
N ALA A 149 6.29 -13.85 -7.43
CA ALA A 149 6.06 -14.60 -8.69
C ALA A 149 7.28 -14.46 -9.60
N THR A 150 7.84 -13.26 -9.69
CA THR A 150 9.08 -12.98 -10.44
C THR A 150 10.25 -13.80 -9.84
N LEU A 151 10.26 -14.10 -8.54
CA LEU A 151 11.38 -14.84 -7.91
C LEU A 151 11.02 -16.31 -7.74
N GLY A 152 9.99 -16.80 -8.43
CA GLY A 152 9.62 -18.22 -8.48
C GLY A 152 9.39 -18.81 -7.11
N LEU A 153 8.85 -18.04 -6.16
CA LEU A 153 8.47 -18.58 -4.83
C LEU A 153 7.07 -19.16 -4.91
N ALA A 154 6.83 -20.28 -4.23
CA ALA A 154 5.51 -20.95 -4.20
C ALA A 154 4.63 -20.21 -3.18
N ALA A 155 4.16 -19.03 -3.58
CA ALA A 155 3.59 -18.02 -2.69
C ALA A 155 2.12 -17.81 -3.04
N TYR A 156 1.29 -17.58 -2.03
CA TYR A 156 -0.17 -17.38 -2.15
C TYR A 156 -0.55 -16.12 -1.38
N GLY A 157 -1.18 -15.17 -2.03
CA GLY A 157 -1.83 -14.05 -1.33
C GLY A 157 -3.20 -14.49 -0.87
N TYR A 158 -3.50 -14.30 0.41
CA TYR A 158 -4.83 -14.64 0.98
C TYR A 158 -5.42 -13.39 1.62
N GLY A 159 -6.68 -13.11 1.27
CA GLY A 159 -7.39 -11.93 1.76
C GLY A 159 -8.87 -12.09 1.60
N ILE A 160 -9.57 -10.95 1.57
CA ILE A 160 -11.05 -10.86 1.44
C ILE A 160 -11.35 -10.19 0.11
N ARG A 161 -12.27 -10.79 -0.64
CA ARG A 161 -12.90 -10.17 -1.84
C ARG A 161 -13.98 -9.21 -1.38
N TYR A 162 -13.62 -7.98 -1.07
CA TYR A 162 -14.63 -6.97 -0.66
C TYR A 162 -15.49 -6.63 -1.88
N GLU A 163 -16.81 -6.59 -1.72
CA GLU A 163 -17.71 -6.13 -2.82
C GLU A 163 -17.43 -4.66 -3.15
N PHE A 164 -17.05 -3.86 -2.16
CA PHE A 164 -16.76 -2.41 -2.26
C PHE A 164 -15.35 -2.16 -1.69
N GLY A 165 -14.45 -1.66 -2.53
CA GLY A 165 -13.07 -1.31 -2.16
C GLY A 165 -13.05 0.10 -1.60
N ILE A 166 -11.87 0.73 -1.58
CA ILE A 166 -11.73 2.13 -1.06
C ILE A 166 -12.72 2.98 -1.86
N PHE A 167 -13.47 3.83 -1.17
CA PHE A 167 -14.50 4.71 -1.77
C PHE A 167 -13.92 5.59 -2.89
N ASN A 168 -14.74 5.88 -3.89
CA ASN A 168 -14.48 6.93 -4.91
C ASN A 168 -14.67 8.29 -4.23
N GLN A 169 -13.67 9.16 -4.31
CA GLN A 169 -13.64 10.55 -3.76
C GLN A 169 -14.16 11.53 -4.83
N LYS A 170 -15.29 12.19 -4.56
CA LYS A 170 -15.75 13.42 -5.27
C LYS A 170 -15.45 14.63 -4.39
N ILE A 171 -15.07 15.75 -5.00
CA ILE A 171 -15.01 17.09 -4.37
C ILE A 171 -16.29 17.85 -4.77
N CYS A 172 -17.10 18.27 -3.79
CA CYS A 172 -18.23 19.22 -3.95
C CYS A 172 -17.94 20.45 -3.10
N GLY A 173 -17.88 21.63 -3.72
CA GLY A 173 -17.59 22.90 -3.03
C GLY A 173 -16.34 22.78 -2.19
N GLY A 174 -15.35 22.05 -2.71
CA GLY A 174 -14.05 21.84 -2.02
C GLY A 174 -14.09 20.77 -0.93
N TRP A 175 -15.23 20.14 -0.66
CA TRP A 175 -15.37 19.09 0.38
C TRP A 175 -15.32 17.70 -0.26
N GLN A 176 -14.68 16.74 0.42
CA GLN A 176 -14.70 15.30 0.08
C GLN A 176 -16.13 14.77 0.24
N MET A 177 -16.67 14.13 -0.80
CA MET A 177 -17.86 13.26 -0.70
C MET A 177 -17.39 11.83 -1.03
N GLU A 178 -17.92 10.83 -0.34
CA GLU A 178 -17.59 9.42 -0.60
C GLU A 178 -18.69 8.82 -1.47
N GLU A 179 -18.30 8.00 -2.46
CA GLU A 179 -19.21 7.14 -3.24
C GLU A 179 -18.70 5.71 -3.17
N ALA A 180 -19.63 4.76 -3.13
CA ALA A 180 -19.37 3.32 -3.10
C ALA A 180 -18.59 2.97 -4.37
N ASP A 181 -17.48 2.25 -4.19
CA ASP A 181 -16.62 1.69 -5.26
C ASP A 181 -17.26 0.38 -5.72
N ASP A 182 -18.22 0.45 -6.64
CA ASP A 182 -18.93 -0.72 -7.20
C ASP A 182 -18.05 -1.33 -8.30
N TRP A 183 -16.89 -1.87 -7.93
CA TRP A 183 -15.83 -2.25 -8.89
C TRP A 183 -16.21 -3.52 -9.67
N LEU A 184 -17.16 -4.30 -9.16
CA LEU A 184 -17.63 -5.57 -9.79
C LEU A 184 -18.89 -5.37 -10.65
N ARG A 185 -19.43 -4.14 -10.76
CA ARG A 185 -20.68 -3.88 -11.53
C ARG A 185 -20.64 -4.64 -12.87
N TYR A 186 -19.56 -4.51 -13.64
CA TYR A 186 -19.44 -5.02 -15.04
C TYR A 186 -18.80 -6.41 -15.07
N GLY A 187 -18.51 -7.01 -13.91
CA GLY A 187 -17.78 -8.28 -13.80
C GLY A 187 -16.28 -8.08 -13.74
N ASN A 188 -15.58 -9.04 -13.16
CA ASN A 188 -14.10 -9.10 -13.05
C ASN A 188 -13.63 -10.29 -13.90
N PRO A 189 -13.02 -10.07 -15.08
CA PRO A 189 -12.60 -11.18 -15.91
C PRO A 189 -11.35 -11.90 -15.40
N TRP A 190 -10.68 -11.32 -14.41
CA TRP A 190 -9.37 -11.82 -13.90
C TRP A 190 -9.62 -12.91 -12.85
N GLU A 191 -10.74 -12.88 -12.14
CA GLU A 191 -10.96 -13.82 -11.02
C GLU A 191 -11.63 -15.09 -11.54
N LYS A 192 -11.37 -16.23 -10.89
CA LYS A 192 -12.10 -17.51 -11.09
C LYS A 192 -12.71 -17.93 -9.75
N ALA A 193 -14.03 -17.94 -9.68
CA ALA A 193 -14.78 -18.46 -8.52
C ALA A 193 -14.39 -19.92 -8.35
N ARG A 194 -14.17 -20.37 -7.13
CA ARG A 194 -13.94 -21.79 -6.82
C ARG A 194 -14.95 -22.23 -5.76
N PRO A 195 -16.26 -22.21 -6.06
CA PRO A 195 -17.27 -22.50 -5.04
C PRO A 195 -17.09 -23.91 -4.45
N GLU A 196 -16.46 -24.80 -5.20
CA GLU A 196 -16.20 -26.19 -4.77
C GLU A 196 -15.18 -26.26 -3.62
N PHE A 197 -14.47 -25.18 -3.28
CA PHE A 197 -13.50 -25.20 -2.15
C PHE A 197 -13.99 -24.28 -1.03
N THR A 198 -15.31 -24.05 -0.98
CA THR A 198 -16.02 -23.32 0.10
C THR A 198 -15.79 -24.03 1.43
N LEU A 199 -15.50 -23.25 2.47
CA LEU A 199 -15.12 -23.73 3.83
C LEU A 199 -16.01 -23.05 4.85
N PRO A 200 -16.38 -23.74 5.95
CA PRO A 200 -17.14 -23.11 7.04
C PRO A 200 -16.22 -22.30 7.95
N VAL A 201 -16.67 -21.12 8.37
CA VAL A 201 -16.05 -20.29 9.44
C VAL A 201 -17.08 -20.16 10.57
N HIS A 202 -16.66 -20.39 11.83
CA HIS A 202 -17.53 -20.35 13.03
C HIS A 202 -17.38 -19.05 13.81
N PHE A 203 -18.49 -18.60 14.40
CA PHE A 203 -18.61 -17.39 15.25
C PHE A 203 -19.54 -17.66 16.44
N TYR A 204 -19.33 -16.90 17.51
CA TYR A 204 -20.14 -16.92 18.75
C TYR A 204 -19.94 -18.28 19.43
N GLY A 205 -21.04 -18.94 19.79
CA GLY A 205 -21.00 -20.23 20.50
C GLY A 205 -20.42 -20.07 21.90
N ARG A 206 -19.98 -21.18 22.47
CA ARG A 206 -19.41 -21.24 23.83
C ARG A 206 -18.43 -22.41 23.85
N VAL A 207 -17.59 -22.50 24.88
CA VAL A 207 -16.63 -23.62 25.08
C VAL A 207 -17.25 -24.57 26.09
N GLU A 208 -17.35 -25.84 25.72
CA GLU A 208 -17.53 -27.00 26.65
C GLU A 208 -16.17 -27.66 26.88
N HIS A 209 -15.85 -27.96 28.14
CA HIS A 209 -14.70 -28.81 28.56
C HIS A 209 -15.20 -30.25 28.73
N THR A 210 -14.59 -31.22 28.07
CA THR A 210 -14.89 -32.68 28.22
C THR A 210 -13.68 -33.38 28.88
N SER A 211 -13.68 -34.73 28.86
CA SER A 211 -12.50 -35.61 29.11
C SER A 211 -11.47 -35.39 27.99
N GLN A 212 -11.98 -35.39 26.75
CA GLN A 212 -11.20 -35.24 25.50
C GLN A 212 -10.94 -33.75 25.17
N GLY A 213 -10.60 -32.91 26.16
CA GLY A 213 -10.24 -31.49 25.98
C GLY A 213 -11.43 -30.58 25.68
N ALA A 214 -11.16 -29.36 25.24
CA ALA A 214 -12.12 -28.26 25.01
C ALA A 214 -12.82 -28.40 23.64
N LYS A 215 -14.05 -27.91 23.53
CA LYS A 215 -14.95 -28.09 22.36
C LYS A 215 -15.74 -26.80 22.16
N TRP A 216 -15.61 -26.20 20.99
CA TRP A 216 -16.33 -24.95 20.61
C TRP A 216 -17.65 -25.36 19.98
N VAL A 217 -18.78 -25.04 20.62
CA VAL A 217 -20.13 -25.55 20.20
C VAL A 217 -21.10 -24.36 20.08
N ASP A 218 -22.29 -24.62 19.51
CA ASP A 218 -23.43 -23.70 19.29
C ASP A 218 -22.96 -22.47 18.52
N THR A 219 -22.09 -22.68 17.54
CA THR A 219 -21.50 -21.58 16.73
C THR A 219 -22.46 -21.22 15.59
N GLN A 220 -22.39 -19.98 15.11
CA GLN A 220 -23.00 -19.58 13.82
C GLN A 220 -21.99 -19.86 12.72
N VAL A 221 -22.44 -20.50 11.66
CA VAL A 221 -21.60 -20.84 10.49
C VAL A 221 -21.78 -19.73 9.44
N VAL A 222 -20.67 -19.18 9.00
CA VAL A 222 -20.57 -18.41 7.73
C VAL A 222 -19.70 -19.21 6.75
N LEU A 223 -20.10 -19.28 5.50
CA LEU A 223 -19.26 -19.96 4.49
C LEU A 223 -18.29 -18.96 3.87
N ALA A 224 -17.08 -19.40 3.62
CA ALA A 224 -16.03 -18.65 2.91
C ALA A 224 -15.84 -19.30 1.55
N MET A 225 -16.18 -18.59 0.48
CA MET A 225 -16.07 -19.06 -0.92
C MET A 225 -14.86 -18.37 -1.55
N PRO A 226 -13.85 -19.11 -2.08
CA PRO A 226 -12.66 -18.47 -2.62
C PRO A 226 -12.80 -18.06 -4.10
N TYR A 227 -12.24 -16.90 -4.43
CA TYR A 227 -12.01 -16.40 -5.80
C TYR A 227 -10.50 -16.34 -6.04
N ASP A 228 -10.01 -17.02 -7.08
CA ASP A 228 -8.57 -17.07 -7.42
C ASP A 228 -8.30 -16.09 -8.56
N THR A 229 -7.31 -15.23 -8.35
CA THR A 229 -6.80 -14.28 -9.35
C THR A 229 -5.35 -14.66 -9.65
N PRO A 230 -4.98 -14.75 -10.95
CA PRO A 230 -3.61 -15.10 -11.32
C PRO A 230 -2.65 -13.92 -11.06
N VAL A 231 -1.43 -14.27 -10.65
CA VAL A 231 -0.32 -13.32 -10.40
C VAL A 231 0.87 -13.74 -11.24
N PRO A 232 1.04 -13.18 -12.46
CA PRO A 232 2.12 -13.59 -13.35
C PRO A 232 3.46 -13.01 -12.87
N GLY A 233 4.50 -13.85 -12.85
CA GLY A 233 5.89 -13.36 -12.72
C GLY A 233 6.37 -12.67 -14.00
N TYR A 234 7.48 -11.91 -13.92
CA TYR A 234 8.08 -11.20 -15.06
C TYR A 234 8.81 -12.18 -15.98
N ARG A 235 8.17 -12.52 -17.08
CA ARG A 235 8.67 -13.35 -18.21
C ARG A 235 9.34 -14.64 -17.72
N ASN A 236 8.90 -15.20 -16.60
CA ASN A 236 9.48 -16.49 -16.12
C ASN A 236 8.43 -17.59 -16.25
N ASN A 237 7.25 -17.27 -16.81
CA ASN A 237 6.13 -18.23 -17.02
C ASN A 237 5.64 -18.79 -15.68
N VAL A 238 5.93 -18.13 -14.58
CA VAL A 238 5.33 -18.46 -13.27
C VAL A 238 4.06 -17.64 -13.12
N VAL A 239 2.96 -18.28 -12.72
CA VAL A 239 1.67 -17.64 -12.33
C VAL A 239 1.26 -18.17 -10.95
N ASN A 240 1.41 -17.33 -9.94
CA ASN A 240 1.01 -17.61 -8.54
C ASN A 240 -0.46 -17.25 -8.38
N THR A 241 -1.00 -17.48 -7.19
CA THR A 241 -2.45 -17.32 -6.92
C THR A 241 -2.65 -16.33 -5.80
N MET A 242 -3.57 -15.40 -6.01
CA MET A 242 -4.18 -14.57 -4.95
C MET A 242 -5.57 -15.18 -4.73
N ARG A 243 -5.81 -15.76 -3.55
CA ARG A 243 -7.12 -16.32 -3.16
C ARG A 243 -7.83 -15.34 -2.23
N LEU A 244 -8.99 -14.84 -2.64
CA LEU A 244 -9.79 -13.92 -1.83
C LEU A 244 -11.12 -14.60 -1.44
N TRP A 245 -11.51 -14.47 -0.18
CA TRP A 245 -12.70 -15.17 0.37
C TRP A 245 -13.89 -14.20 0.31
N SER A 246 -15.03 -14.75 -0.06
CA SER A 246 -16.34 -14.06 -0.09
C SER A 246 -17.23 -14.75 0.93
N ALA A 247 -18.00 -14.00 1.70
CA ALA A 247 -18.88 -14.53 2.74
C ALA A 247 -20.19 -14.96 2.10
N LYS A 248 -20.68 -16.15 2.45
CA LYS A 248 -21.92 -16.74 1.93
C LYS A 248 -22.68 -17.36 3.11
N ALA A 249 -23.98 -17.16 3.18
CA ALA A 249 -24.82 -17.78 4.23
C ALA A 249 -25.05 -19.24 3.87
N PRO A 250 -25.07 -20.19 4.84
CA PRO A 250 -25.51 -21.56 4.54
C PRO A 250 -27.00 -21.56 4.16
N ASN A 251 -27.50 -22.61 3.50
CA ASN A 251 -28.88 -22.58 2.91
C ASN A 251 -29.96 -22.80 3.98
N ASP A 252 -29.58 -23.29 5.16
CA ASP A 252 -30.49 -23.52 6.33
C ASP A 252 -30.51 -22.28 7.24
N PHE A 253 -29.77 -21.22 6.90
CA PHE A 253 -29.57 -19.96 7.67
C PHE A 253 -30.93 -19.31 7.97
N ASN A 254 -31.22 -19.18 9.27
CA ASN A 254 -32.49 -18.64 9.86
C ASN A 254 -33.66 -19.62 9.61
N LEU A 255 -33.40 -20.84 9.09
CA LEU A 255 -34.45 -21.73 8.53
C LEU A 255 -34.40 -23.14 9.15
N GLY A 262 -41.39 -14.55 8.80
CA GLY A 262 -41.07 -15.99 8.66
C GLY A 262 -40.08 -16.24 7.53
N TYR A 263 -40.55 -16.94 6.49
CA TYR A 263 -39.73 -17.46 5.36
C TYR A 263 -38.97 -16.29 4.67
N ILE A 264 -39.71 -15.26 4.28
CA ILE A 264 -39.15 -14.13 3.46
C ILE A 264 -38.01 -13.48 4.23
N GLN A 265 -38.27 -13.09 5.47
CA GLN A 265 -37.33 -12.38 6.38
C GLN A 265 -36.11 -13.26 6.57
N ALA A 266 -36.29 -14.57 6.74
CA ALA A 266 -35.14 -15.50 6.94
C ALA A 266 -34.21 -15.42 5.73
N VAL A 267 -34.78 -15.41 4.52
CA VAL A 267 -33.99 -15.29 3.27
C VAL A 267 -33.34 -13.90 3.23
N LEU A 268 -34.08 -12.83 3.53
CA LEU A 268 -33.49 -11.45 3.50
C LEU A 268 -32.39 -11.34 4.56
N ASP A 269 -32.53 -11.98 5.73
CA ASP A 269 -31.53 -11.90 6.82
C ASP A 269 -30.22 -12.62 6.43
N ARG A 270 -30.14 -13.31 5.29
CA ARG A 270 -28.85 -13.93 4.85
C ARG A 270 -27.79 -12.85 4.70
N ASN A 271 -28.23 -11.62 4.41
CA ASN A 271 -27.38 -10.42 4.18
C ASN A 271 -26.61 -10.06 5.46
N LEU A 272 -27.08 -10.43 6.64
CA LEU A 272 -26.29 -10.21 7.90
C LEU A 272 -24.95 -10.95 7.81
N ALA A 273 -24.93 -12.19 7.32
CA ALA A 273 -23.71 -13.02 7.26
C ALA A 273 -22.83 -12.53 6.12
N GLU A 274 -23.42 -12.16 4.99
CA GLU A 274 -22.66 -11.80 3.78
C GLU A 274 -22.07 -10.39 3.95
N ASN A 275 -22.56 -9.59 4.91
CA ASN A 275 -21.97 -8.25 5.24
C ASN A 275 -20.48 -8.38 5.55
N ILE A 276 -20.00 -9.53 6.05
CA ILE A 276 -18.58 -9.70 6.50
C ILE A 276 -17.65 -9.25 5.38
N SER A 277 -17.90 -9.66 4.14
CA SER A 277 -16.98 -9.35 3.01
C SER A 277 -17.54 -8.23 2.12
N ARG A 278 -18.44 -7.38 2.64
CA ARG A 278 -19.13 -6.38 1.79
C ARG A 278 -18.24 -5.18 1.51
N VAL A 279 -17.49 -4.70 2.51
CA VAL A 279 -16.87 -3.34 2.42
C VAL A 279 -15.53 -3.27 3.16
N LEU A 280 -14.54 -2.73 2.47
CA LEU A 280 -13.20 -2.46 3.07
C LEU A 280 -13.37 -1.29 4.06
N TYR A 281 -12.85 -1.44 5.27
CA TYR A 281 -12.71 -0.30 6.20
C TYR A 281 -11.69 0.67 5.64
N PRO A 282 -12.10 1.94 5.50
CA PRO A 282 -11.32 2.96 4.79
C PRO A 282 -10.39 3.82 5.67
N ASN A 283 -9.87 3.26 6.75
CA ASN A 283 -8.94 3.92 7.67
C ASN A 283 -7.51 3.55 7.28
N ASP A 284 -6.67 4.55 7.10
CA ASP A 284 -5.24 4.37 6.85
C ASP A 284 -4.50 4.66 8.16
N ASN A 285 -3.69 3.72 8.62
CA ASN A 285 -2.83 3.94 9.82
C ASN A 285 -3.71 4.47 10.97
N PHE A 286 -4.85 3.83 11.21
CA PHE A 286 -5.80 4.11 12.31
C PHE A 286 -6.57 2.82 12.67
N PHE A 287 -6.85 2.64 13.97
CA PHE A 287 -7.62 1.47 14.49
C PHE A 287 -9.03 1.93 14.85
N GLU A 288 -10.02 1.22 14.32
CA GLU A 288 -11.46 1.32 14.70
C GLU A 288 -11.83 -0.04 15.29
N GLY A 289 -12.17 -0.10 16.58
CA GLY A 289 -12.51 -1.36 17.26
C GLY A 289 -13.95 -1.77 17.00
N LYS A 290 -14.33 -2.06 15.76
CA LYS A 290 -15.74 -2.44 15.45
C LYS A 290 -15.83 -3.95 15.23
N GLU A 291 -16.94 -4.54 15.67
CA GLU A 291 -17.16 -5.99 15.62
C GLU A 291 -17.04 -6.47 14.15
N LEU A 292 -17.66 -5.76 13.21
CA LEU A 292 -17.63 -6.19 11.80
C LEU A 292 -16.15 -6.31 11.34
N ARG A 293 -15.29 -5.39 11.77
CA ARG A 293 -13.82 -5.45 11.46
C ARG A 293 -13.20 -6.71 12.07
N LEU A 294 -13.57 -7.08 13.29
CA LEU A 294 -13.02 -8.29 13.94
C LEU A 294 -13.55 -9.53 13.20
N LYS A 295 -14.79 -9.51 12.72
CA LYS A 295 -15.38 -10.61 11.92
C LYS A 295 -14.59 -10.79 10.64
N GLN A 296 -14.19 -9.68 10.03
CA GLN A 296 -13.41 -9.76 8.77
C GLN A 296 -12.06 -10.40 9.07
N GLU A 297 -11.42 -10.00 10.17
CA GLU A 297 -10.10 -10.50 10.61
C GLU A 297 -10.19 -12.00 10.89
N TYR A 298 -11.20 -12.47 11.58
CA TYR A 298 -11.28 -13.93 11.86
C TYR A 298 -11.59 -14.69 10.55
N PHE A 299 -12.53 -14.17 9.76
CA PHE A 299 -13.04 -14.82 8.53
C PHE A 299 -11.86 -15.19 7.63
N VAL A 300 -10.94 -14.25 7.40
CA VAL A 300 -9.83 -14.47 6.44
C VAL A 300 -8.84 -15.47 7.06
N VAL A 301 -8.64 -15.40 8.37
CA VAL A 301 -7.69 -16.28 9.10
C VAL A 301 -8.26 -17.70 9.16
N ALA A 302 -9.54 -17.86 9.55
CA ALA A 302 -10.17 -19.18 9.71
C ALA A 302 -10.19 -19.91 8.35
N ALA A 303 -10.67 -19.27 7.30
CA ALA A 303 -10.78 -19.95 5.98
C ALA A 303 -9.39 -20.27 5.44
N THR A 304 -8.43 -19.34 5.57
CA THR A 304 -7.05 -19.46 5.03
C THR A 304 -6.33 -20.64 5.72
N LEU A 305 -6.46 -20.79 7.04
CA LEU A 305 -5.68 -21.81 7.79
C LEU A 305 -6.21 -23.21 7.47
N GLN A 306 -7.51 -23.36 7.24
CA GLN A 306 -8.10 -24.66 6.83
C GLN A 306 -7.50 -25.07 5.48
N ASP A 307 -7.43 -24.12 4.55
CA ASP A 307 -6.88 -24.31 3.19
C ASP A 307 -5.40 -24.66 3.29
N ILE A 308 -4.68 -23.96 4.15
CA ILE A 308 -3.22 -24.16 4.30
C ILE A 308 -3.04 -25.60 4.78
N ILE A 309 -3.84 -26.00 5.77
CA ILE A 309 -3.70 -27.33 6.41
C ILE A 309 -4.14 -28.41 5.42
N ARG A 310 -5.26 -28.21 4.72
CA ARG A 310 -5.74 -29.13 3.66
C ARG A 310 -4.58 -29.40 2.68
N ARG A 311 -3.93 -28.35 2.17
CA ARG A 311 -2.85 -28.43 1.15
C ARG A 311 -1.63 -29.17 1.73
N PHE A 312 -1.29 -28.91 2.99
CA PHE A 312 -0.19 -29.58 3.74
C PHE A 312 -0.45 -31.09 3.86
N LYS A 313 -1.69 -31.51 4.11
CA LYS A 313 -2.01 -32.94 4.42
C LYS A 313 -2.00 -33.77 3.13
N SER A 314 -1.95 -33.12 1.96
CA SER A 314 -1.90 -33.76 0.63
C SER A 314 -0.47 -33.65 0.07
N SER A 315 0.52 -34.05 0.87
CA SER A 315 2.00 -33.99 0.60
C SER A 315 2.47 -35.30 -0.03
N THR A 325 -0.83 -35.62 9.73
CA THR A 325 -0.44 -36.59 10.81
C THR A 325 0.79 -36.01 11.56
N ASN A 326 1.91 -35.78 10.87
CA ASN A 326 3.18 -35.33 11.50
C ASN A 326 3.35 -33.83 11.24
N PHE A 327 3.08 -33.04 12.29
CA PHE A 327 3.08 -31.56 12.27
C PHE A 327 4.47 -31.04 12.62
N ASP A 328 5.43 -31.91 12.94
CA ASP A 328 6.84 -31.50 13.17
C ASP A 328 7.39 -30.85 11.90
N ALA A 329 6.96 -31.32 10.72
CA ALA A 329 7.38 -30.87 9.38
C ALA A 329 6.55 -29.66 8.89
N PHE A 330 5.55 -29.23 9.63
CA PHE A 330 4.63 -28.15 9.20
C PHE A 330 5.44 -26.91 8.86
N PRO A 331 6.35 -26.45 9.74
CA PRO A 331 7.11 -25.23 9.50
C PRO A 331 8.22 -25.41 8.45
N ASP A 332 8.51 -26.64 8.04
CA ASP A 332 9.42 -26.90 6.90
C ASP A 332 8.64 -26.78 5.59
N LYS A 333 7.31 -26.80 5.65
CA LYS A 333 6.44 -26.81 4.45
C LYS A 333 5.59 -25.54 4.39
N VAL A 334 5.52 -24.78 5.49
CA VAL A 334 4.61 -23.60 5.60
C VAL A 334 5.34 -22.44 6.27
N ALA A 335 5.34 -21.29 5.61
CA ALA A 335 5.60 -19.96 6.22
C ALA A 335 4.30 -19.17 6.09
N ILE A 336 3.86 -18.56 7.19
CA ILE A 336 2.70 -17.61 7.22
C ILE A 336 3.23 -16.24 7.59
N GLN A 337 3.13 -15.27 6.68
CA GLN A 337 3.52 -13.87 6.98
C GLN A 337 2.28 -13.06 7.36
N LEU A 338 2.31 -12.42 8.53
CA LEU A 338 1.21 -11.54 9.01
C LEU A 338 1.52 -10.11 8.60
N ASN A 339 0.68 -9.54 7.73
CA ASN A 339 0.79 -8.14 7.26
C ASN A 339 0.17 -7.25 8.34
N ASP A 340 1.01 -6.76 9.26
CA ASP A 340 0.58 -6.07 10.51
C ASP A 340 -0.24 -7.06 11.34
N THR A 341 -0.97 -6.56 12.33
CA THR A 341 -1.69 -7.41 13.30
C THR A 341 -3.06 -7.79 12.74
N HIS A 342 -3.45 -7.27 11.58
CA HIS A 342 -4.83 -7.45 11.06
C HIS A 342 -5.20 -8.94 11.05
N PRO A 343 -4.30 -9.87 10.62
CA PRO A 343 -4.50 -11.30 10.78
C PRO A 343 -3.78 -11.98 11.95
N SER A 344 -3.60 -11.27 13.07
CA SER A 344 -2.93 -11.77 14.30
C SER A 344 -3.65 -13.03 14.84
N LEU A 345 -4.94 -13.19 14.54
CA LEU A 345 -5.75 -14.32 15.09
C LEU A 345 -5.28 -15.64 14.45
N ALA A 346 -4.55 -15.61 13.34
CA ALA A 346 -3.83 -16.79 12.76
C ALA A 346 -3.09 -17.55 13.87
N ILE A 347 -2.55 -16.85 14.88
CA ILE A 347 -1.70 -17.48 15.95
C ILE A 347 -2.56 -18.33 16.88
N PRO A 348 -3.57 -17.79 17.61
CA PRO A 348 -4.48 -18.61 18.40
C PRO A 348 -5.29 -19.62 17.59
N GLU A 349 -5.60 -19.31 16.32
CA GLU A 349 -6.41 -20.18 15.45
C GLU A 349 -5.57 -21.40 15.11
N LEU A 350 -4.30 -21.19 14.81
CA LEU A 350 -3.40 -22.34 14.50
C LEU A 350 -3.28 -23.19 15.78
N MET A 351 -3.12 -22.56 16.95
CA MET A 351 -3.09 -23.31 18.24
C MET A 351 -4.40 -24.10 18.41
N ARG A 352 -5.55 -23.46 18.16
CA ARG A 352 -6.89 -24.06 18.36
C ARG A 352 -7.04 -25.31 17.50
N VAL A 353 -6.69 -25.20 16.23
CA VAL A 353 -6.75 -26.35 15.29
C VAL A 353 -5.78 -27.43 15.78
N LEU A 354 -4.54 -27.09 16.11
CA LEU A 354 -3.50 -28.09 16.46
C LEU A 354 -3.89 -28.75 17.79
N VAL A 355 -4.34 -27.99 18.81
CA VAL A 355 -4.64 -28.53 20.17
C VAL A 355 -6.02 -29.20 20.16
N ASP A 356 -7.08 -28.47 19.84
CA ASP A 356 -8.49 -28.95 19.97
C ASP A 356 -8.88 -29.99 18.90
N LEU A 357 -8.37 -29.88 17.67
CA LEU A 357 -8.84 -30.74 16.54
C LEU A 357 -7.82 -31.84 16.21
N GLU A 358 -6.52 -31.54 16.17
CA GLU A 358 -5.44 -32.51 15.83
C GLU A 358 -4.87 -33.16 17.09
N ARG A 359 -5.20 -32.66 18.27
CA ARG A 359 -4.96 -33.33 19.57
C ARG A 359 -3.46 -33.36 19.87
N LEU A 360 -2.69 -32.42 19.32
CA LEU A 360 -1.29 -32.17 19.74
C LEU A 360 -1.31 -31.59 21.16
N ASP A 361 -0.26 -31.82 21.92
CA ASP A 361 -0.08 -31.19 23.25
C ASP A 361 0.29 -29.74 23.02
N TRP A 362 0.08 -28.91 24.04
CA TRP A 362 0.22 -27.45 23.95
C TRP A 362 1.61 -27.07 23.42
N ASP A 363 2.66 -27.61 24.05
CA ASP A 363 4.07 -27.18 23.85
C ASP A 363 4.48 -27.49 22.40
N LYS A 364 4.12 -28.66 21.88
CA LYS A 364 4.44 -29.08 20.49
C LYS A 364 3.71 -28.15 19.51
N ALA A 365 2.44 -27.85 19.76
CA ALA A 365 1.60 -26.98 18.91
C ALA A 365 2.22 -25.57 18.86
N TRP A 366 2.65 -25.07 20.01
CA TRP A 366 3.24 -23.72 20.15
C TRP A 366 4.56 -23.60 19.39
N GLU A 367 5.40 -24.63 19.49
CA GLU A 367 6.69 -24.71 18.77
C GLU A 367 6.40 -24.59 17.26
N VAL A 368 5.40 -25.34 16.80
CA VAL A 368 4.99 -25.38 15.36
C VAL A 368 4.50 -23.97 14.97
N THR A 369 3.63 -23.37 15.79
CA THR A 369 3.05 -22.04 15.55
C THR A 369 4.16 -20.99 15.41
N VAL A 370 5.10 -20.93 16.35
CA VAL A 370 6.15 -19.86 16.41
C VAL A 370 7.04 -19.98 15.16
N LYS A 371 7.42 -21.20 14.80
CA LYS A 371 8.31 -21.49 13.64
C LYS A 371 7.58 -21.29 12.31
N THR A 372 6.24 -21.34 12.29
CA THR A 372 5.42 -21.06 11.09
C THR A 372 5.18 -19.55 10.92
N CYS A 373 4.91 -18.82 12.00
CA CYS A 373 4.44 -17.42 11.88
C CYS A 373 5.59 -16.43 11.99
N ALA A 374 5.44 -15.33 11.26
CA ALA A 374 6.32 -14.13 11.29
C ALA A 374 5.43 -12.89 11.14
N TYR A 375 5.82 -11.78 11.79
CA TYR A 375 4.99 -10.57 11.97
C TYR A 375 5.77 -9.38 11.41
N THR A 376 5.16 -8.67 10.45
CA THR A 376 5.66 -7.37 9.97
C THR A 376 4.87 -6.27 10.66
N ASN A 377 5.56 -5.41 11.41
CA ASN A 377 5.00 -4.17 12.03
C ASN A 377 5.18 -3.03 11.03
N HIS A 378 4.16 -2.18 10.91
CA HIS A 378 4.12 -1.07 9.90
C HIS A 378 3.99 0.30 10.54
N THR A 379 3.79 0.43 11.85
CA THR A 379 3.52 1.75 12.48
C THR A 379 3.91 1.72 13.96
N VAL A 380 4.20 2.89 14.50
CA VAL A 380 4.46 3.18 15.94
C VAL A 380 3.40 4.14 16.46
N LEU A 381 2.48 4.61 15.61
CA LEU A 381 1.44 5.59 16.04
C LEU A 381 0.52 4.85 17.00
N PRO A 382 0.33 5.35 18.25
CA PRO A 382 -0.49 4.67 19.24
C PRO A 382 -1.92 4.34 18.76
N GLU A 383 -2.54 5.28 18.06
CA GLU A 383 -3.95 5.20 17.60
C GLU A 383 -4.09 4.16 16.46
N ALA A 384 -3.00 3.63 15.90
CA ALA A 384 -3.03 2.64 14.80
C ALA A 384 -2.87 1.20 15.33
N LEU A 385 -2.40 1.03 16.56
CA LEU A 385 -2.13 -0.31 17.14
C LEU A 385 -3.45 -0.97 17.53
N GLU A 386 -3.67 -2.21 17.11
CA GLU A 386 -4.95 -2.93 17.39
C GLU A 386 -4.97 -3.40 18.84
N ARG A 387 -5.90 -2.88 19.63
CA ARG A 387 -6.13 -3.27 21.04
C ARG A 387 -7.61 -3.61 21.18
N TRP A 388 -7.98 -4.88 21.07
CA TRP A 388 -9.38 -5.34 21.01
C TRP A 388 -9.92 -5.49 22.42
N PRO A 389 -11.06 -4.85 22.77
CA PRO A 389 -11.75 -5.12 24.04
C PRO A 389 -12.00 -6.62 24.22
N VAL A 390 -11.73 -7.11 25.42
CA VAL A 390 -11.90 -8.52 25.85
C VAL A 390 -13.36 -8.95 25.69
N HIS A 391 -14.34 -8.09 26.01
CA HIS A 391 -15.80 -8.40 25.94
C HIS A 391 -16.21 -8.74 24.50
N LEU A 392 -15.60 -8.12 23.50
CA LEU A 392 -15.82 -8.45 22.07
C LEU A 392 -15.29 -9.85 21.74
N LEU A 393 -14.05 -10.15 22.11
CA LEU A 393 -13.41 -11.48 21.87
C LEU A 393 -14.16 -12.56 22.65
N GLU A 394 -14.66 -12.21 23.83
CA GLU A 394 -15.37 -13.15 24.73
C GLU A 394 -16.64 -13.66 24.05
N THR A 395 -17.41 -12.75 23.45
CA THR A 395 -18.71 -13.02 22.79
C THR A 395 -18.49 -13.74 21.46
N LEU A 396 -17.53 -13.26 20.67
CA LEU A 396 -17.40 -13.61 19.25
C LEU A 396 -16.49 -14.83 19.07
N LEU A 397 -15.41 -14.92 19.86
CA LEU A 397 -14.36 -15.97 19.73
C LEU A 397 -13.93 -16.46 21.10
N PRO A 398 -14.87 -17.10 21.86
CA PRO A 398 -14.65 -17.44 23.26
C PRO A 398 -13.42 -18.33 23.43
N ARG A 399 -13.24 -19.30 22.52
CA ARG A 399 -12.13 -20.29 22.59
C ARG A 399 -10.79 -19.59 22.35
N HIS A 400 -10.73 -18.67 21.38
CA HIS A 400 -9.51 -17.90 21.04
C HIS A 400 -9.10 -17.07 22.25
N LEU A 401 -10.06 -16.52 22.99
CA LEU A 401 -9.72 -15.70 24.18
C LEU A 401 -9.07 -16.61 25.23
N GLN A 402 -9.58 -17.84 25.43
CA GLN A 402 -9.01 -18.82 26.38
C GLN A 402 -7.57 -19.14 25.97
N ILE A 403 -7.35 -19.41 24.69
CA ILE A 403 -6.00 -19.72 24.17
C ILE A 403 -5.12 -18.48 24.35
N ILE A 404 -5.65 -17.28 24.21
CA ILE A 404 -4.84 -16.02 24.34
C ILE A 404 -4.41 -15.84 25.80
N TYR A 405 -5.31 -16.05 26.77
CA TYR A 405 -4.99 -15.97 28.23
C TYR A 405 -3.88 -16.96 28.59
N GLU A 406 -3.96 -18.18 28.03
CA GLU A 406 -3.01 -19.30 28.24
C GLU A 406 -1.66 -18.92 27.63
N ILE A 407 -1.64 -18.29 26.46
CA ILE A 407 -0.39 -17.82 25.81
C ILE A 407 0.23 -16.79 26.76
N ASN A 408 -0.59 -15.85 27.22
CA ASN A 408 -0.15 -14.73 28.09
C ASN A 408 0.50 -15.32 29.36
N GLN A 409 -0.14 -16.31 29.99
CA GLN A 409 0.37 -16.91 31.25
C GLN A 409 1.75 -17.52 31.00
N ARG A 410 1.89 -18.36 29.97
CA ARG A 410 3.17 -19.06 29.71
C ARG A 410 4.23 -18.05 29.24
N PHE A 411 3.84 -16.99 28.56
CA PHE A 411 4.77 -15.93 28.11
C PHE A 411 5.30 -15.12 29.30
N LEU A 412 4.42 -14.67 30.19
CA LEU A 412 4.79 -13.88 31.40
C LEU A 412 5.62 -14.72 32.36
N ASN A 413 5.41 -16.05 32.42
CA ASN A 413 6.26 -16.96 33.23
C ASN A 413 7.70 -16.96 32.71
N ARG A 414 7.92 -16.85 31.40
CA ARG A 414 9.30 -16.77 30.83
C ARG A 414 9.92 -15.40 31.13
N VAL A 415 9.13 -14.32 31.05
CA VAL A 415 9.57 -12.94 31.42
C VAL A 415 9.98 -12.93 32.90
N ALA A 416 9.13 -13.45 33.79
CA ALA A 416 9.39 -13.52 35.25
C ALA A 416 10.70 -14.26 35.53
N ALA A 417 11.00 -15.34 34.81
CA ALA A 417 12.20 -16.17 35.02
C ALA A 417 13.46 -15.43 34.55
N ALA A 418 13.38 -14.67 33.47
CA ALA A 418 14.50 -13.93 32.85
C ALA A 418 14.74 -12.60 33.57
N PHE A 419 13.67 -11.98 34.11
CA PHE A 419 13.74 -10.68 34.83
C PHE A 419 13.06 -10.80 36.18
N PRO A 420 13.61 -11.61 37.12
CA PRO A 420 12.92 -11.89 38.39
C PRO A 420 12.73 -10.58 39.16
N GLY A 421 11.50 -10.30 39.58
CA GLY A 421 11.14 -9.16 40.47
C GLY A 421 10.75 -7.92 39.69
N ASP A 422 10.93 -7.90 38.38
CA ASP A 422 10.59 -6.71 37.55
C ASP A 422 9.08 -6.80 37.23
N VAL A 423 8.24 -6.44 38.20
CA VAL A 423 6.76 -6.60 38.08
C VAL A 423 6.25 -5.62 37.03
N ASP A 424 6.95 -4.50 36.87
CA ASP A 424 6.61 -3.45 35.90
C ASP A 424 6.71 -4.00 34.47
N ARG A 425 7.80 -4.71 34.19
CA ARG A 425 8.02 -5.36 32.89
C ARG A 425 6.79 -6.26 32.64
N LEU A 426 6.39 -7.06 33.62
CA LEU A 426 5.26 -8.01 33.50
C LEU A 426 3.99 -7.26 33.08
N ARG A 427 3.68 -6.12 33.70
CA ARG A 427 2.48 -5.31 33.35
C ARG A 427 2.61 -4.81 31.90
N ARG A 428 3.79 -4.35 31.49
CA ARG A 428 4.06 -3.71 30.18
C ARG A 428 4.03 -4.74 29.05
N MET A 429 4.49 -5.96 29.30
CA MET A 429 4.68 -6.95 28.22
C MET A 429 3.41 -7.80 28.10
N SER A 430 2.50 -7.71 29.08
CA SER A 430 1.25 -8.51 29.10
C SER A 430 0.54 -8.37 27.75
N LEU A 431 -0.03 -9.47 27.25
CA LEU A 431 -0.92 -9.41 26.07
C LEU A 431 -2.22 -8.72 26.49
N VAL A 432 -2.54 -8.75 27.79
CA VAL A 432 -3.80 -8.19 28.34
C VAL A 432 -3.50 -6.82 28.94
N GLU A 433 -4.04 -5.73 28.40
CA GLU A 433 -3.95 -4.40 29.04
C GLU A 433 -5.09 -4.21 30.04
N GLU A 434 -4.76 -3.86 31.28
CA GLU A 434 -5.69 -3.49 32.38
C GLU A 434 -6.16 -2.05 32.15
N GLY A 435 -7.30 -1.65 32.73
CA GLY A 435 -7.92 -0.34 32.50
C GLY A 435 -9.43 -0.41 32.67
N ALA A 436 -10.12 0.69 32.36
CA ALA A 436 -11.61 0.76 32.39
C ALA A 436 -12.14 -0.49 31.67
N VAL A 437 -11.81 -0.62 30.38
CA VAL A 437 -12.02 -1.86 29.56
C VAL A 437 -10.66 -2.55 29.45
N LYS A 438 -10.65 -3.86 29.69
CA LYS A 438 -9.56 -4.79 29.35
C LYS A 438 -9.44 -4.86 27.82
N ARG A 439 -8.22 -4.85 27.28
CA ARG A 439 -7.92 -5.00 25.84
C ARG A 439 -6.88 -6.11 25.66
N ILE A 440 -6.91 -6.82 24.53
CA ILE A 440 -5.76 -7.64 24.06
C ILE A 440 -4.90 -6.74 23.16
N ASN A 441 -3.61 -6.65 23.47
CA ASN A 441 -2.61 -5.96 22.60
C ASN A 441 -2.18 -6.97 21.54
N MET A 442 -2.70 -6.81 20.32
CA MET A 442 -2.52 -7.81 19.23
C MET A 442 -1.05 -7.86 18.79
N ALA A 443 -0.34 -6.73 18.85
CA ALA A 443 1.10 -6.62 18.56
C ALA A 443 1.89 -7.51 19.52
N HIS A 444 1.53 -7.48 20.80
CA HIS A 444 2.16 -8.33 21.85
C HIS A 444 1.95 -9.79 21.46
N LEU A 445 0.74 -10.16 21.07
CA LEU A 445 0.39 -11.55 20.66
C LEU A 445 1.28 -11.98 19.49
N CYS A 446 1.50 -11.08 18.53
CA CYS A 446 2.29 -11.37 17.30
C CYS A 446 3.76 -11.60 17.63
N ILE A 447 4.34 -10.80 18.52
CA ILE A 447 5.77 -10.92 18.90
C ILE A 447 5.96 -12.27 19.62
N ALA A 448 5.07 -12.58 20.57
CA ALA A 448 5.10 -13.82 21.38
C ALA A 448 4.98 -15.04 20.48
N GLY A 449 4.10 -14.98 19.46
CA GLY A 449 3.75 -16.16 18.64
C GLY A 449 4.50 -16.29 17.33
N SER A 450 5.50 -15.43 17.07
CA SER A 450 6.26 -15.34 15.80
C SER A 450 7.74 -15.59 16.06
N HIS A 451 8.46 -16.22 15.14
CA HIS A 451 9.94 -16.42 15.21
C HIS A 451 10.66 -15.18 14.64
N ALA A 452 9.97 -14.31 13.90
CA ALA A 452 10.58 -13.08 13.35
C ALA A 452 9.57 -11.95 13.42
N VAL A 453 10.04 -10.79 13.87
CA VAL A 453 9.32 -9.49 13.87
C VAL A 453 10.20 -8.53 13.09
N ASN A 454 9.66 -7.90 12.05
CA ASN A 454 10.43 -6.93 11.24
C ASN A 454 9.64 -5.62 11.15
N GLY A 455 10.38 -4.51 11.16
CA GLY A 455 9.91 -3.21 10.66
C GLY A 455 10.20 -3.11 9.17
N VAL A 456 9.87 -1.96 8.61
CA VAL A 456 9.69 -1.80 7.13
C VAL A 456 10.65 -0.72 6.59
N ALA A 457 11.57 -0.26 7.43
CA ALA A 457 12.71 0.61 7.06
C ALA A 457 13.68 0.62 8.25
N ARG A 458 14.95 0.88 8.01
CA ARG A 458 15.99 0.70 9.05
C ARG A 458 15.67 1.56 10.28
N ILE A 459 15.31 2.81 10.09
CA ILE A 459 15.07 3.75 11.21
C ILE A 459 13.84 3.28 12.00
N HIS A 460 12.82 2.72 11.31
CA HIS A 460 11.56 2.21 11.92
C HIS A 460 11.90 0.95 12.75
N SER A 461 12.66 0.01 12.21
CA SER A 461 13.13 -1.21 12.93
C SER A 461 13.97 -0.83 14.16
N GLU A 462 14.82 0.21 14.09
CA GLU A 462 15.59 0.72 15.25
C GLU A 462 14.62 1.30 16.27
N ILE A 463 13.63 2.08 15.86
CA ILE A 463 12.66 2.73 16.79
C ILE A 463 11.87 1.64 17.55
N LEU A 464 11.57 0.51 16.88
CA LEU A 464 10.88 -0.65 17.49
C LEU A 464 11.73 -1.22 18.63
N LYS A 465 13.04 -1.32 18.42
CA LYS A 465 13.95 -1.91 19.44
C LYS A 465 14.21 -0.94 20.60
N LYS A 466 14.11 0.37 20.38
CA LYS A 466 14.47 1.39 21.39
C LYS A 466 13.23 1.86 22.14
N THR A 467 12.03 1.69 21.59
CA THR A 467 10.80 2.29 22.18
C THR A 467 9.74 1.20 22.37
N ILE A 468 8.76 1.07 21.49
CA ILE A 468 7.51 0.32 21.84
C ILE A 468 7.78 -1.16 22.08
N PHE A 469 8.84 -1.77 21.52
CA PHE A 469 9.11 -3.21 21.73
C PHE A 469 10.46 -3.44 22.44
N LYS A 470 11.04 -2.40 23.04
CA LYS A 470 12.29 -2.50 23.84
C LYS A 470 12.30 -3.77 24.72
N ASP A 471 11.27 -3.96 25.53
CA ASP A 471 11.13 -5.09 26.48
C ASP A 471 11.20 -6.45 25.73
N PHE A 472 10.52 -6.59 24.60
CA PHE A 472 10.44 -7.83 23.80
C PHE A 472 11.80 -8.10 23.16
N TYR A 473 12.44 -7.04 22.68
CA TYR A 473 13.81 -7.09 22.12
C TYR A 473 14.82 -7.59 23.20
N GLU A 474 14.70 -7.15 24.45
CA GLU A 474 15.68 -7.55 25.51
C GLU A 474 15.44 -9.02 25.88
N LEU A 475 14.19 -9.49 25.84
CA LEU A 475 13.87 -10.92 26.08
C LEU A 475 14.36 -11.76 24.90
N GLU A 476 14.06 -11.38 23.65
CA GLU A 476 14.33 -12.23 22.46
C GLU A 476 14.94 -11.39 21.35
N PRO A 477 16.21 -10.94 21.52
CA PRO A 477 16.86 -10.06 20.56
C PRO A 477 16.88 -10.66 19.13
N HIS A 478 17.05 -11.97 19.06
CA HIS A 478 17.13 -12.80 17.82
C HIS A 478 15.87 -12.67 16.93
N LYS A 479 14.71 -12.31 17.45
CA LYS A 479 13.45 -12.21 16.65
C LYS A 479 13.45 -10.95 15.78
N PHE A 480 14.12 -9.86 16.17
CA PHE A 480 13.92 -8.52 15.57
C PHE A 480 14.84 -8.33 14.35
N GLN A 481 14.22 -8.08 13.19
CA GLN A 481 14.91 -7.88 11.89
C GLN A 481 14.43 -6.56 11.29
N ASN A 482 15.15 -6.06 10.30
CA ASN A 482 14.66 -5.02 9.36
C ASN A 482 14.42 -5.70 8.00
N LYS A 483 13.35 -5.34 7.31
CA LYS A 483 13.16 -5.60 5.87
C LYS A 483 12.65 -4.30 5.25
N THR A 484 13.55 -3.45 4.77
CA THR A 484 13.18 -2.15 4.14
C THR A 484 12.25 -2.46 2.98
N ASN A 485 11.15 -1.72 2.87
CA ASN A 485 10.12 -1.85 1.83
C ASN A 485 10.74 -1.61 0.44
N GLY A 486 9.97 -1.95 -0.58
CA GLY A 486 10.30 -1.76 -2.00
C GLY A 486 9.03 -1.61 -2.80
N ILE A 487 9.19 -1.34 -4.09
CA ILE A 487 8.09 -1.22 -5.10
C ILE A 487 8.52 -2.09 -6.29
N THR A 488 7.58 -2.64 -7.04
CA THR A 488 7.85 -3.49 -8.23
C THR A 488 8.21 -2.57 -9.38
N PRO A 489 9.42 -2.73 -9.97
CA PRO A 489 9.79 -1.87 -11.09
C PRO A 489 8.97 -2.27 -12.33
N ARG A 490 8.19 -3.35 -12.29
CA ARG A 490 7.32 -3.66 -13.44
C ARG A 490 6.23 -2.61 -13.52
N ARG A 491 5.29 -2.58 -12.57
CA ARG A 491 4.23 -1.54 -12.57
C ARG A 491 4.86 -0.13 -12.52
N TRP A 492 5.87 0.08 -11.67
CA TRP A 492 6.25 1.44 -11.22
C TRP A 492 7.37 2.02 -12.10
N LEU A 493 7.74 1.35 -13.19
CA LEU A 493 8.66 1.97 -14.19
C LEU A 493 8.20 1.53 -15.58
N VAL A 494 8.33 0.24 -15.90
CA VAL A 494 8.05 -0.28 -17.28
C VAL A 494 6.63 0.09 -17.67
N LEU A 495 5.68 -0.16 -16.78
CA LEU A 495 4.25 -0.05 -17.12
C LEU A 495 3.85 1.44 -17.16
N CYS A 496 4.22 2.25 -16.16
CA CYS A 496 3.70 3.64 -16.03
C CYS A 496 4.58 4.63 -16.81
N ASN A 497 5.80 4.23 -17.19
CA ASN A 497 6.83 5.17 -17.72
C ASN A 497 7.64 4.48 -18.80
N PRO A 498 6.98 4.02 -19.88
CA PRO A 498 7.64 3.22 -20.90
C PRO A 498 8.78 3.98 -21.57
N GLY A 499 8.64 5.30 -21.73
CA GLY A 499 9.67 6.15 -22.37
C GLY A 499 10.96 6.18 -21.57
N LEU A 500 10.88 6.23 -20.22
CA LEU A 500 12.08 6.21 -19.37
C LEU A 500 12.65 4.80 -19.41
N ALA A 501 11.82 3.77 -19.25
CA ALA A 501 12.28 2.37 -19.35
C ALA A 501 13.13 2.19 -20.60
N GLU A 502 12.71 2.80 -21.72
CA GLU A 502 13.26 2.56 -23.06
C GLU A 502 14.64 3.21 -23.16
N ILE A 503 14.76 4.48 -22.78
CA ILE A 503 16.07 5.20 -22.90
C ILE A 503 17.06 4.56 -21.94
N ILE A 504 16.59 3.98 -20.83
CA ILE A 504 17.50 3.20 -19.96
C ILE A 504 17.93 1.93 -20.71
N ALA A 505 16.95 1.16 -21.22
CA ALA A 505 17.21 -0.09 -21.98
C ALA A 505 18.11 0.20 -23.19
N GLU A 506 18.01 1.37 -23.82
CA GLU A 506 18.86 1.75 -24.98
C GLU A 506 20.33 1.65 -24.58
N ARG A 507 20.66 2.07 -23.35
CA ARG A 507 22.05 2.20 -22.87
C ARG A 507 22.53 0.89 -22.22
N ILE A 508 21.71 0.28 -21.36
CA ILE A 508 22.21 -0.79 -20.44
C ILE A 508 21.43 -2.11 -20.62
N GLY A 509 20.56 -2.23 -21.63
CA GLY A 509 19.78 -3.46 -21.84
C GLY A 509 18.57 -3.55 -20.93
N GLU A 510 17.90 -4.70 -20.95
CA GLU A 510 16.57 -4.99 -20.35
C GLU A 510 16.70 -5.66 -18.99
N GLU A 511 17.88 -6.20 -18.66
CA GLU A 511 18.06 -7.11 -17.49
C GLU A 511 17.66 -6.42 -16.19
N TYR A 512 17.67 -5.08 -16.17
CA TYR A 512 17.53 -4.28 -14.94
C TYR A 512 16.11 -4.43 -14.41
N ILE A 513 15.17 -4.81 -15.27
CA ILE A 513 13.72 -4.83 -14.91
C ILE A 513 13.51 -5.92 -13.85
N SER A 514 14.34 -6.96 -13.82
CA SER A 514 14.28 -8.04 -12.79
C SER A 514 15.56 -8.03 -11.93
N ASP A 515 16.37 -6.99 -12.05
CA ASP A 515 17.62 -6.82 -11.28
C ASP A 515 17.92 -5.32 -11.22
N LEU A 516 17.18 -4.58 -10.40
CA LEU A 516 17.16 -3.10 -10.48
C LEU A 516 18.50 -2.49 -10.05
N ASP A 517 19.35 -3.25 -9.34
CA ASP A 517 20.73 -2.79 -8.95
C ASP A 517 21.54 -2.44 -10.18
N GLN A 518 21.25 -3.05 -11.32
CA GLN A 518 21.89 -2.72 -12.61
C GLN A 518 21.70 -1.25 -12.99
N LEU A 519 20.76 -0.52 -12.38
CA LEU A 519 20.57 0.93 -12.66
C LEU A 519 21.81 1.74 -12.26
N ARG A 520 22.67 1.27 -11.35
CA ARG A 520 23.96 1.93 -11.00
C ARG A 520 24.80 2.19 -12.26
N LYS A 521 24.68 1.34 -13.29
CA LYS A 521 25.44 1.49 -14.56
C LYS A 521 25.12 2.87 -15.17
N LEU A 522 24.00 3.50 -14.79
CA LEU A 522 23.58 4.82 -15.33
C LEU A 522 24.49 5.94 -14.83
N LEU A 523 25.22 5.73 -13.73
CA LEU A 523 26.16 6.74 -13.19
C LEU A 523 27.24 7.07 -14.20
N SER A 524 27.60 6.17 -15.11
CA SER A 524 28.65 6.45 -16.12
C SER A 524 28.06 7.30 -17.26
N TYR A 525 26.79 7.69 -17.17
CA TYR A 525 26.10 8.54 -18.18
C TYR A 525 25.68 9.92 -17.63
N VAL A 526 26.04 10.31 -16.40
CA VAL A 526 25.65 11.63 -15.79
C VAL A 526 26.28 12.80 -16.57
N ASP A 527 27.38 12.57 -17.31
CA ASP A 527 28.07 13.62 -18.10
C ASP A 527 27.83 13.40 -19.60
N ASP A 528 27.00 12.42 -19.98
CA ASP A 528 26.67 12.16 -21.41
C ASP A 528 25.53 13.10 -21.80
N GLU A 529 25.73 13.90 -22.84
CA GLU A 529 24.81 15.00 -23.22
C GLU A 529 23.52 14.38 -23.79
N ALA A 530 23.63 13.33 -24.61
CA ALA A 530 22.48 12.69 -25.28
C ALA A 530 21.57 12.12 -24.19
N PHE A 531 22.14 11.44 -23.19
CA PHE A 531 21.38 10.83 -22.08
C PHE A 531 20.69 11.93 -21.25
N ILE A 532 21.41 13.00 -20.88
CA ILE A 532 20.83 14.19 -20.17
C ILE A 532 19.65 14.73 -20.99
N ARG A 533 19.77 14.82 -22.32
CA ARG A 533 18.71 15.35 -23.21
C ARG A 533 17.50 14.40 -23.18
N ASP A 534 17.73 13.10 -23.23
CA ASP A 534 16.65 12.06 -23.29
C ASP A 534 15.89 11.99 -21.98
N VAL A 535 16.59 12.04 -20.85
CA VAL A 535 15.93 12.04 -19.51
C VAL A 535 15.00 13.27 -19.42
N ALA A 536 15.45 14.46 -19.81
CA ALA A 536 14.64 15.70 -19.71
C ALA A 536 13.47 15.62 -20.70
N LYS A 537 13.69 15.10 -21.90
CA LYS A 537 12.62 14.91 -22.93
C LYS A 537 11.54 13.95 -22.41
N VAL A 538 11.90 12.81 -21.83
CA VAL A 538 10.87 11.88 -21.27
C VAL A 538 10.05 12.63 -20.21
N LYS A 539 10.73 13.35 -19.31
CA LYS A 539 10.06 14.07 -18.20
C LYS A 539 9.08 15.07 -18.81
N GLN A 540 9.53 15.83 -19.82
CA GLN A 540 8.70 16.87 -20.47
C GLN A 540 7.51 16.20 -21.18
N GLU A 541 7.72 15.03 -21.80
CA GLU A 541 6.65 14.31 -22.52
C GLU A 541 5.62 13.85 -21.47
N ASN A 542 6.07 13.30 -20.34
CA ASN A 542 5.18 12.84 -19.24
C ASN A 542 4.34 14.01 -18.75
N LYS A 543 4.95 15.21 -18.67
CA LYS A 543 4.27 16.41 -18.12
C LYS A 543 3.22 16.90 -19.12
N LEU A 544 3.56 16.97 -20.41
CA LEU A 544 2.61 17.32 -21.49
C LEU A 544 1.43 16.34 -21.44
N LYS A 545 1.70 15.04 -21.30
CA LYS A 545 0.67 13.97 -21.33
C LYS A 545 -0.26 14.14 -20.12
N PHE A 546 0.28 14.54 -18.96
CA PHE A 546 -0.49 14.63 -17.70
C PHE A 546 -1.30 15.95 -17.67
N ALA A 547 -0.73 17.03 -18.18
CA ALA A 547 -1.41 18.35 -18.33
C ALA A 547 -2.67 18.21 -19.19
N ALA A 548 -2.57 17.39 -20.26
CA ALA A 548 -3.66 17.12 -21.21
C ALA A 548 -4.70 16.23 -20.53
N TYR A 549 -4.27 15.28 -19.70
CA TYR A 549 -5.20 14.39 -18.94
C TYR A 549 -6.02 15.29 -18.01
N LEU A 550 -5.38 16.30 -17.41
CA LEU A 550 -6.10 17.22 -16.48
C LEU A 550 -7.15 17.98 -17.29
N GLU A 551 -6.77 18.59 -18.42
CA GLU A 551 -7.70 19.35 -19.32
C GLU A 551 -8.95 18.49 -19.65
N ARG A 552 -8.76 17.32 -20.28
CA ARG A 552 -9.86 16.40 -20.68
C ARG A 552 -10.79 16.09 -19.49
N GLU A 553 -10.32 15.35 -18.48
CA GLU A 553 -11.17 14.68 -17.46
C GLU A 553 -11.65 15.66 -16.38
N TYR A 554 -11.01 16.84 -16.24
CA TYR A 554 -11.31 17.78 -15.12
C TYR A 554 -11.13 19.25 -15.54
N LYS A 555 -11.35 19.61 -16.81
CA LYS A 555 -11.43 21.02 -17.32
C LYS A 555 -10.57 21.99 -16.50
N VAL A 556 -9.26 21.77 -16.43
CA VAL A 556 -8.27 22.58 -15.63
C VAL A 556 -7.04 22.89 -16.50
N HIS A 557 -6.49 24.11 -16.40
CA HIS A 557 -5.44 24.69 -17.31
C HIS A 557 -4.14 24.97 -16.55
N ILE A 558 -3.15 24.07 -16.65
CA ILE A 558 -1.80 24.17 -15.98
C ILE A 558 -0.71 24.43 -17.03
N ASN A 559 0.29 25.23 -16.66
CA ASN A 559 1.53 25.51 -17.43
C ASN A 559 2.48 24.31 -17.31
N PRO A 560 2.79 23.60 -18.42
CA PRO A 560 3.62 22.39 -18.32
C PRO A 560 5.13 22.72 -18.28
N ASN A 561 5.52 23.99 -18.35
CA ASN A 561 6.94 24.42 -18.16
C ASN A 561 7.19 24.77 -16.69
N SER A 562 6.17 24.63 -15.85
CA SER A 562 6.26 24.88 -14.39
C SER A 562 6.89 23.65 -13.73
N LEU A 563 7.48 23.83 -12.55
CA LEU A 563 7.95 22.74 -11.66
C LEU A 563 6.69 22.05 -11.12
N PHE A 564 6.60 20.73 -11.28
CA PHE A 564 5.45 19.91 -10.81
C PHE A 564 5.84 19.43 -9.41
N ASP A 565 5.33 20.14 -8.42
CA ASP A 565 5.50 19.92 -6.96
C ASP A 565 4.30 19.06 -6.55
N VAL A 566 4.53 17.79 -6.23
CA VAL A 566 3.46 16.76 -6.07
C VAL A 566 3.61 16.16 -4.68
N GLN A 567 2.51 16.21 -3.91
CA GLN A 567 2.35 15.44 -2.65
C GLN A 567 1.10 14.57 -2.81
N VAL A 568 1.28 13.28 -3.13
CA VAL A 568 0.15 12.32 -3.22
C VAL A 568 0.40 11.18 -2.23
N LYS A 569 -0.61 10.96 -1.38
CA LYS A 569 -0.65 10.01 -0.23
C LYS A 569 -1.96 10.25 0.53
N ARG A 570 -2.36 9.30 1.38
CA ARG A 570 -3.57 9.49 2.21
C ARG A 570 -3.42 10.78 3.02
N ILE A 571 -4.55 11.43 3.28
CA ILE A 571 -4.58 12.71 4.03
C ILE A 571 -4.46 12.40 5.52
N HIS A 572 -3.38 12.84 6.15
CA HIS A 572 -3.01 12.55 7.56
C HIS A 572 -2.38 13.77 8.21
N GLU A 573 -2.58 13.97 9.50
CA GLU A 573 -1.85 15.03 10.23
C GLU A 573 -0.34 14.70 10.19
N TYR A 574 0.05 13.43 10.32
CA TYR A 574 1.49 13.06 10.48
C TYR A 574 2.26 13.25 9.17
N LYS A 575 1.59 13.17 8.03
CA LYS A 575 2.17 13.32 6.66
C LYS A 575 2.30 14.80 6.28
N ARG A 576 1.64 15.69 7.06
CA ARG A 576 1.83 17.16 7.13
C ARG A 576 1.61 17.82 5.75
N GLN A 577 0.50 17.45 5.11
CA GLN A 577 -0.05 18.21 3.98
C GLN A 577 -0.12 19.68 4.44
N LEU A 578 -0.40 19.94 5.73
CA LEU A 578 -0.53 21.32 6.25
C LEU A 578 0.79 22.08 6.12
N LEU A 579 1.93 21.42 6.35
CA LEU A 579 3.25 22.09 6.19
C LEU A 579 3.38 22.57 4.72
N ASN A 580 2.97 21.70 3.78
CA ASN A 580 2.94 22.00 2.33
C ASN A 580 2.03 23.21 2.13
N CYS A 581 0.86 23.24 2.76
CA CYS A 581 -0.11 24.34 2.60
C CYS A 581 0.57 25.65 3.02
N LEU A 582 1.34 25.60 4.12
CA LEU A 582 2.00 26.80 4.68
C LEU A 582 3.02 27.32 3.66
N HIS A 583 3.79 26.42 3.03
CA HIS A 583 4.74 26.82 1.96
C HIS A 583 3.97 27.52 0.82
N VAL A 584 2.85 26.95 0.39
CA VAL A 584 2.10 27.44 -0.79
C VAL A 584 1.60 28.86 -0.49
N ILE A 585 1.07 29.10 0.70
CA ILE A 585 0.56 30.44 1.10
C ILE A 585 1.75 31.41 1.23
N THR A 586 2.90 30.94 1.72
CA THR A 586 4.17 31.72 1.81
C THR A 586 4.55 32.19 0.40
N LEU A 587 4.58 31.27 -0.59
CA LEU A 587 4.91 31.62 -1.99
C LEU A 587 3.95 32.70 -2.50
N TYR A 588 2.66 32.56 -2.18
CA TYR A 588 1.58 33.45 -2.65
C TYR A 588 1.80 34.85 -2.04
N ASN A 589 2.05 34.90 -0.73
CA ASN A 589 2.27 36.18 0.00
C ASN A 589 3.53 36.88 -0.52
N ARG A 590 4.56 36.13 -0.89
CA ARG A 590 5.81 36.67 -1.46
C ARG A 590 5.56 37.26 -2.86
N ILE A 591 4.72 36.62 -3.67
CA ILE A 591 4.32 37.15 -5.01
C ILE A 591 3.53 38.45 -4.79
N LYS A 592 2.52 38.48 -3.92
CA LYS A 592 1.68 39.69 -3.70
C LYS A 592 2.51 40.88 -3.20
N LYS A 593 3.53 40.64 -2.38
CA LYS A 593 4.42 41.69 -1.79
C LYS A 593 5.34 42.27 -2.88
N GLU A 594 5.87 41.42 -3.78
CA GLU A 594 6.83 41.78 -4.87
C GLU A 594 6.37 41.15 -6.18
N PRO A 595 5.29 41.69 -6.78
CA PRO A 595 4.63 41.04 -7.91
C PRO A 595 5.52 40.93 -9.16
N ASN A 596 6.47 41.86 -9.31
CA ASN A 596 7.23 42.08 -10.57
C ASN A 596 8.61 41.45 -10.46
N LYS A 597 8.82 40.53 -9.51
CA LYS A 597 10.10 39.82 -9.35
C LYS A 597 9.94 38.39 -9.90
N PHE A 598 11.00 37.83 -10.47
CA PHE A 598 10.99 36.46 -11.04
C PHE A 598 10.91 35.45 -9.90
N VAL A 599 10.03 34.46 -10.05
CA VAL A 599 9.95 33.21 -9.23
C VAL A 599 9.88 32.04 -10.23
N VAL A 600 10.60 30.94 -9.95
CA VAL A 600 10.41 29.69 -10.70
C VAL A 600 8.93 29.35 -10.61
N PRO A 601 8.22 29.24 -11.75
CA PRO A 601 6.82 28.85 -11.73
C PRO A 601 6.62 27.45 -11.15
N ARG A 602 5.54 27.21 -10.42
CA ARG A 602 5.20 25.86 -9.90
C ARG A 602 3.73 25.57 -10.10
N THR A 603 3.43 24.35 -10.51
CA THR A 603 2.15 23.65 -10.29
C THR A 603 2.35 22.81 -9.04
N VAL A 604 1.68 23.21 -7.97
CA VAL A 604 1.61 22.45 -6.71
C VAL A 604 0.33 21.62 -6.78
N MET A 605 0.50 20.29 -6.74
CA MET A 605 -0.58 19.30 -6.82
C MET A 605 -0.56 18.47 -5.54
N ILE A 606 -1.67 18.50 -4.80
CA ILE A 606 -1.85 17.67 -3.59
C ILE A 606 -3.06 16.78 -3.83
N GLY A 607 -2.93 15.50 -3.52
CA GLY A 607 -4.03 14.55 -3.70
C GLY A 607 -3.99 13.49 -2.63
N GLY A 608 -5.14 12.97 -2.27
CA GLY A 608 -5.28 11.86 -1.33
C GLY A 608 -6.68 11.77 -0.81
N LYS A 609 -7.04 10.62 -0.25
CA LYS A 609 -8.34 10.44 0.44
C LYS A 609 -8.14 10.64 1.94
N ALA A 610 -9.14 11.23 2.59
CA ALA A 610 -9.31 11.23 4.06
C ALA A 610 -10.22 10.09 4.48
N ALA A 611 -9.95 9.43 5.60
CA ALA A 611 -10.89 8.45 6.18
C ALA A 611 -12.20 9.19 6.43
N PRO A 612 -13.37 8.63 6.09
CA PRO A 612 -14.63 9.38 6.15
C PRO A 612 -14.96 9.99 7.51
N GLY A 613 -14.55 9.37 8.62
CA GLY A 613 -14.81 9.91 9.98
C GLY A 613 -13.67 10.73 10.57
N TYR A 614 -12.66 11.10 9.75
CA TYR A 614 -11.44 11.81 10.18
C TYR A 614 -11.65 13.31 9.88
N HIS A 615 -12.30 13.98 10.83
CA HIS A 615 -12.76 15.38 10.69
C HIS A 615 -11.61 16.27 10.19
N MET A 616 -10.44 16.18 10.82
CA MET A 616 -9.30 17.10 10.57
C MET A 616 -8.76 16.86 9.15
N ALA A 617 -8.73 15.63 8.68
CA ALA A 617 -8.27 15.26 7.32
C ALA A 617 -9.23 15.88 6.31
N LYS A 618 -10.53 15.92 6.64
CA LYS A 618 -11.56 16.46 5.73
C LYS A 618 -11.42 17.98 5.68
N MET A 619 -11.06 18.61 6.79
CA MET A 619 -10.83 20.08 6.86
C MET A 619 -9.59 20.46 6.03
N ILE A 620 -8.51 19.68 6.06
CA ILE A 620 -7.25 19.90 5.28
C ILE A 620 -7.55 19.88 3.78
N ILE A 621 -8.28 18.90 3.27
CA ILE A 621 -8.75 18.87 1.86
C ILE A 621 -9.45 20.20 1.54
N LYS A 622 -10.38 20.60 2.40
CA LYS A 622 -11.15 21.85 2.21
C LYS A 622 -10.21 23.06 2.16
N LEU A 623 -9.20 23.13 3.02
CA LEU A 623 -8.22 24.24 3.04
C LEU A 623 -7.41 24.23 1.75
N ILE A 624 -7.04 23.05 1.26
CA ILE A 624 -6.23 22.93 0.01
C ILE A 624 -7.03 23.55 -1.13
N THR A 625 -8.29 23.18 -1.28
CA THR A 625 -9.16 23.68 -2.37
C THR A 625 -9.41 25.17 -2.16
N ALA A 626 -9.50 25.65 -0.90
CA ALA A 626 -9.77 27.07 -0.56
C ALA A 626 -8.55 27.93 -0.94
N ILE A 627 -7.35 27.40 -0.74
CA ILE A 627 -6.09 28.07 -1.18
C ILE A 627 -6.12 28.19 -2.70
N GLY A 628 -6.42 27.08 -3.40
CA GLY A 628 -6.58 27.02 -4.87
C GLY A 628 -7.57 28.04 -5.40
N ASP A 629 -8.74 28.19 -4.75
CA ASP A 629 -9.80 29.16 -5.15
C ASP A 629 -9.26 30.59 -5.09
N VAL A 630 -8.35 30.91 -4.17
CA VAL A 630 -7.77 32.28 -4.04
C VAL A 630 -6.59 32.41 -5.02
N VAL A 631 -5.67 31.43 -5.00
CA VAL A 631 -4.38 31.53 -5.72
C VAL A 631 -4.62 31.46 -7.24
N ASN A 632 -5.43 30.51 -7.70
CA ASN A 632 -5.59 30.22 -9.15
C ASN A 632 -6.40 31.35 -9.82
N HIS A 633 -7.08 32.22 -9.06
CA HIS A 633 -7.94 33.27 -9.66
C HIS A 633 -7.33 34.67 -9.44
N ASP A 634 -6.14 34.78 -8.83
CA ASP A 634 -5.44 36.08 -8.64
C ASP A 634 -4.72 36.46 -9.95
N PRO A 635 -5.14 37.54 -10.64
CA PRO A 635 -4.51 37.93 -11.91
C PRO A 635 -3.02 38.32 -11.79
N VAL A 636 -2.64 38.86 -10.64
CA VAL A 636 -1.23 39.26 -10.35
C VAL A 636 -0.34 38.00 -10.38
N VAL A 637 -0.86 36.85 -9.96
CA VAL A 637 -0.07 35.58 -9.81
C VAL A 637 0.25 35.05 -11.21
N GLY A 638 -0.74 35.07 -12.10
CA GLY A 638 -0.62 34.57 -13.49
C GLY A 638 -0.49 33.06 -13.49
N ASP A 639 0.32 32.52 -14.40
CA ASP A 639 0.62 31.07 -14.47
C ASP A 639 1.89 30.79 -13.64
N ARG A 640 2.23 31.64 -12.66
CA ARG A 640 3.46 31.44 -11.83
C ARG A 640 3.17 30.48 -10.68
N LEU A 641 1.94 30.42 -10.18
CA LEU A 641 1.60 29.51 -9.06
C LEU A 641 0.18 28.99 -9.27
N ARG A 642 0.04 27.67 -9.39
CA ARG A 642 -1.27 26.96 -9.42
C ARG A 642 -1.30 25.95 -8.27
N VAL A 643 -2.45 25.83 -7.60
CA VAL A 643 -2.69 24.81 -6.55
C VAL A 643 -3.83 23.93 -7.05
N ILE A 644 -3.56 22.64 -7.21
CA ILE A 644 -4.53 21.66 -7.73
C ILE A 644 -4.71 20.57 -6.68
N PHE A 645 -5.95 20.31 -6.26
CA PHE A 645 -6.32 19.07 -5.54
C PHE A 645 -6.62 17.99 -6.57
N LEU A 646 -5.80 16.93 -6.61
CA LEU A 646 -6.03 15.76 -7.50
C LEU A 646 -7.09 14.85 -6.87
N GLU A 647 -8.27 14.80 -7.46
CA GLU A 647 -9.47 14.05 -6.99
C GLU A 647 -9.23 12.55 -7.18
N ASN A 648 -9.68 11.72 -6.24
CA ASN A 648 -9.75 10.25 -6.34
C ASN A 648 -8.36 9.65 -6.51
N TYR A 649 -7.38 10.10 -5.71
CA TYR A 649 -6.03 9.51 -5.77
C TYR A 649 -6.15 8.02 -5.46
N ARG A 650 -5.58 7.22 -6.37
CA ARG A 650 -5.68 5.75 -6.42
C ARG A 650 -4.51 5.26 -7.27
N VAL A 651 -4.35 3.93 -7.36
CA VAL A 651 -3.18 3.30 -8.02
C VAL A 651 -3.09 3.80 -9.48
N SER A 652 -4.20 3.84 -10.20
CA SER A 652 -4.18 4.23 -11.64
C SER A 652 -3.90 5.73 -11.81
N LEU A 653 -4.26 6.60 -10.87
CA LEU A 653 -3.87 8.04 -10.93
C LEU A 653 -2.38 8.15 -10.60
N ALA A 654 -1.87 7.36 -9.66
CA ALA A 654 -0.43 7.30 -9.31
C ALA A 654 0.40 6.93 -10.55
N GLU A 655 -0.08 6.03 -11.41
CA GLU A 655 0.72 5.61 -12.60
C GLU A 655 0.85 6.79 -13.57
N LYS A 656 -0.08 7.74 -13.54
CA LYS A 656 -0.07 8.93 -14.43
C LYS A 656 0.75 10.08 -13.83
N VAL A 657 0.54 10.42 -12.55
CA VAL A 657 1.09 11.65 -11.92
C VAL A 657 2.54 11.40 -11.47
N ILE A 658 2.87 10.20 -10.99
CA ILE A 658 4.27 9.95 -10.51
C ILE A 658 5.24 10.21 -11.68
N PRO A 659 5.07 9.64 -12.89
CA PRO A 659 5.98 9.92 -14.01
C PRO A 659 6.05 11.39 -14.45
N ALA A 660 5.03 12.18 -14.17
CA ALA A 660 4.96 13.60 -14.54
C ALA A 660 5.60 14.51 -13.48
N ALA A 661 6.06 13.99 -12.34
CA ALA A 661 6.47 14.84 -11.20
C ALA A 661 7.93 15.27 -11.32
N ASP A 662 8.21 16.50 -10.89
CA ASP A 662 9.58 17.03 -10.74
C ASP A 662 10.05 16.89 -9.28
N LEU A 663 9.18 17.22 -8.32
CA LEU A 663 9.54 17.26 -6.89
C LEU A 663 8.58 16.36 -6.11
N SER A 664 9.13 15.39 -5.38
CA SER A 664 8.43 14.47 -4.46
C SER A 664 8.46 15.03 -3.03
N GLU A 665 7.28 15.24 -2.46
CA GLU A 665 7.07 15.81 -1.12
C GLU A 665 6.89 14.67 -0.12
N GLN A 666 7.92 14.44 0.69
CA GLN A 666 7.97 13.33 1.69
C GLN A 666 8.32 13.95 3.05
N ILE A 667 7.33 14.58 3.69
CA ILE A 667 7.58 15.66 4.69
C ILE A 667 6.87 15.32 6.01
N SER A 668 6.62 14.03 6.25
CA SER A 668 6.18 13.49 7.56
C SER A 668 7.13 13.97 8.66
N THR A 669 6.64 14.15 9.88
CA THR A 669 7.46 14.44 11.09
C THR A 669 8.36 13.23 11.34
N ALA A 670 9.65 13.48 11.58
CA ALA A 670 10.66 12.42 11.83
C ALA A 670 10.14 11.46 12.92
N GLY A 671 10.07 10.19 12.57
CA GLY A 671 9.65 9.11 13.46
C GLY A 671 8.21 8.65 13.27
N THR A 672 7.46 9.20 12.31
CA THR A 672 6.01 8.89 12.15
C THR A 672 5.76 8.01 10.93
N GLU A 673 6.47 8.21 9.82
CA GLU A 673 6.25 7.43 8.57
C GLU A 673 7.17 6.20 8.61
N ALA A 674 6.65 5.01 8.90
CA ALA A 674 7.47 3.80 9.21
C ALA A 674 8.44 3.56 8.05
N SER A 675 7.95 3.71 6.83
CA SER A 675 8.76 3.58 5.61
C SER A 675 8.34 4.62 4.56
N GLY A 676 7.09 4.55 4.13
CA GLY A 676 6.65 5.15 2.87
C GLY A 676 7.09 4.32 1.67
N THR A 677 6.31 4.37 0.60
CA THR A 677 6.62 3.69 -0.69
C THR A 677 6.39 4.63 -1.86
N GLY A 678 5.51 5.62 -1.72
CA GLY A 678 5.41 6.76 -2.64
C GLY A 678 6.79 7.31 -2.92
N ASN A 679 7.55 7.60 -1.87
CA ASN A 679 8.91 8.19 -1.98
C ASN A 679 9.71 7.41 -3.06
N MET A 680 9.69 6.09 -2.99
CA MET A 680 10.48 5.21 -3.90
C MET A 680 9.94 5.32 -5.32
N LYS A 681 8.62 5.41 -5.47
CA LYS A 681 8.03 5.44 -6.80
C LYS A 681 8.57 6.64 -7.58
N PHE A 682 8.64 7.81 -6.92
CA PHE A 682 9.06 9.05 -7.52
C PHE A 682 10.58 9.06 -7.78
N MET A 683 11.38 8.48 -6.88
CA MET A 683 12.85 8.33 -7.07
C MET A 683 13.08 7.59 -8.40
N LEU A 684 12.27 6.57 -8.67
CA LEU A 684 12.44 5.63 -9.81
C LEU A 684 12.08 6.36 -11.11
N ASN A 685 11.23 7.39 -11.01
CA ASN A 685 10.52 8.02 -12.15
C ASN A 685 11.02 9.44 -12.41
N GLY A 686 12.12 9.86 -11.79
CA GLY A 686 12.86 11.06 -12.26
C GLY A 686 12.41 12.34 -11.58
N ALA A 687 11.96 12.22 -10.33
CA ALA A 687 11.64 13.37 -9.47
C ALA A 687 12.69 13.43 -8.38
N LEU A 688 13.05 14.65 -7.99
CA LEU A 688 13.92 14.91 -6.81
C LEU A 688 13.00 14.94 -5.61
N THR A 689 13.55 14.61 -4.44
CA THR A 689 12.78 14.44 -3.20
C THR A 689 13.08 15.61 -2.25
N ILE A 690 12.05 16.32 -1.81
CA ILE A 690 12.16 17.17 -0.59
C ILE A 690 11.57 16.38 0.57
N GLY A 691 12.37 16.08 1.59
CA GLY A 691 11.89 15.24 2.68
C GLY A 691 12.67 15.37 3.97
N THR A 692 12.02 14.92 5.04
CA THR A 692 12.57 14.73 6.40
C THR A 692 13.35 13.42 6.45
N MET A 693 14.27 13.33 7.41
CA MET A 693 14.98 12.05 7.71
C MET A 693 13.99 11.15 8.47
N ASP A 694 13.04 10.63 7.71
CA ASP A 694 11.96 9.73 8.19
C ASP A 694 11.90 8.53 7.27
N GLY A 695 11.60 7.36 7.83
CA GLY A 695 11.25 6.16 7.04
C GLY A 695 12.35 5.79 6.07
N ALA A 696 11.99 5.36 4.88
CA ALA A 696 12.94 4.96 3.83
C ALA A 696 13.62 6.20 3.23
N ASN A 697 13.09 7.41 3.44
CA ASN A 697 13.81 8.66 3.03
C ASN A 697 15.28 8.55 3.48
N VAL A 698 15.55 8.05 4.69
CA VAL A 698 16.94 8.02 5.24
C VAL A 698 17.83 7.16 4.34
N GLU A 699 17.34 6.00 3.92
CA GLU A 699 18.11 5.04 3.10
C GLU A 699 18.16 5.52 1.65
N MET A 700 17.13 6.21 1.17
CA MET A 700 17.13 6.80 -0.19
C MET A 700 18.28 7.82 -0.30
N ALA A 701 18.42 8.70 0.69
CA ALA A 701 19.47 9.75 0.79
C ALA A 701 20.85 9.09 0.89
N GLU A 702 20.98 8.05 1.71
CA GLU A 702 22.22 7.26 1.83
C GLU A 702 22.62 6.67 0.45
N GLU A 703 21.67 6.13 -0.32
CA GLU A 703 21.97 5.49 -1.64
C GLU A 703 22.37 6.55 -2.67
N ALA A 704 21.67 7.67 -2.74
CA ALA A 704 21.89 8.72 -3.78
C ALA A 704 23.02 9.70 -3.38
N GLY A 705 23.33 9.81 -2.09
CA GLY A 705 24.13 10.90 -1.54
C GLY A 705 23.23 12.01 -1.06
N GLU A 706 23.46 12.45 0.19
CA GLU A 706 22.73 13.56 0.87
C GLU A 706 22.72 14.80 -0.05
N GLU A 707 23.80 15.06 -0.79
CA GLU A 707 23.92 16.22 -1.71
C GLU A 707 22.95 16.09 -2.92
N ASN A 708 22.37 14.92 -3.19
CA ASN A 708 21.41 14.73 -4.31
C ASN A 708 19.98 14.62 -3.78
N PHE A 709 19.76 15.16 -2.58
CA PHE A 709 18.50 15.04 -1.83
C PHE A 709 18.24 16.36 -1.10
N PHE A 710 16.99 16.83 -1.07
CA PHE A 710 16.59 18.07 -0.37
C PHE A 710 16.08 17.65 1.01
N ILE A 711 17.03 17.37 1.89
CA ILE A 711 16.80 17.02 3.32
C ILE A 711 16.67 18.31 4.10
N PHE A 712 15.69 18.38 4.97
CA PHE A 712 15.46 19.50 5.90
C PHE A 712 14.83 18.93 7.19
N GLY A 713 14.88 19.74 8.24
CA GLY A 713 14.00 19.60 9.41
C GLY A 713 14.63 18.78 10.52
N MET A 714 13.85 18.61 11.58
CA MET A 714 14.24 17.83 12.78
C MET A 714 14.52 16.39 12.37
N ARG A 715 15.58 15.82 12.93
CA ARG A 715 15.77 14.37 13.03
C ARG A 715 14.89 13.83 14.16
N VAL A 716 14.73 12.51 14.25
CA VAL A 716 14.12 11.83 15.43
C VAL A 716 14.69 12.43 16.72
N GLU A 717 16.01 12.61 16.80
CA GLU A 717 16.68 13.07 18.05
C GLU A 717 16.13 14.44 18.46
N ASP A 718 15.95 15.35 17.48
CA ASP A 718 15.49 16.74 17.70
C ASP A 718 14.04 16.72 18.16
N VAL A 719 13.21 15.83 17.62
CA VAL A 719 11.77 15.79 18.01
C VAL A 719 11.67 15.43 19.49
N ASP A 720 12.35 14.35 19.90
CA ASP A 720 12.56 13.92 21.31
C ASP A 720 13.04 15.08 22.19
N ARG A 721 14.01 15.88 21.75
CA ARG A 721 14.54 17.01 22.57
C ARG A 721 13.41 18.02 22.78
N LEU A 722 12.60 18.26 21.75
CA LEU A 722 11.47 19.21 21.82
C LEU A 722 10.40 18.67 22.77
N ASP A 723 10.11 17.37 22.70
CA ASP A 723 9.10 16.67 23.54
C ASP A 723 9.46 16.82 25.02
N GLN A 724 10.74 16.68 25.37
CA GLN A 724 11.20 16.73 26.77
C GLN A 724 10.99 18.14 27.31
N ARG A 725 11.29 19.18 26.54
CA ARG A 725 11.19 20.56 27.05
C ARG A 725 9.75 21.08 26.88
N GLY A 726 8.97 20.51 25.95
CA GLY A 726 7.58 20.95 25.64
C GLY A 726 7.50 21.69 24.31
N TYR A 727 6.59 21.29 23.42
CA TYR A 727 6.37 21.98 22.13
C TYR A 727 5.44 23.17 22.37
N ASN A 728 6.00 24.37 22.26
CA ASN A 728 5.27 25.65 22.31
C ASN A 728 5.24 26.24 20.90
N ALA A 729 4.11 26.09 20.21
CA ALA A 729 3.89 26.58 18.83
C ALA A 729 3.93 28.11 18.84
N GLN A 730 3.43 28.71 19.91
CA GLN A 730 3.39 30.18 20.12
C GLN A 730 4.77 30.77 19.78
N GLU A 731 5.83 30.18 20.32
CA GLU A 731 7.22 30.62 20.14
C GLU A 731 7.54 30.88 18.64
N TYR A 732 7.14 29.95 17.75
CA TYR A 732 7.40 30.04 16.29
C TYR A 732 6.53 31.15 15.69
N TYR A 733 5.27 31.20 16.07
CA TYR A 733 4.32 32.26 15.64
C TYR A 733 4.89 33.62 16.05
N ASP A 734 5.51 33.71 17.24
CA ASP A 734 6.04 35.01 17.76
C ASP A 734 7.33 35.39 17.01
N ARG A 735 8.13 34.43 16.52
CA ARG A 735 9.48 34.73 15.99
C ARG A 735 9.48 34.83 14.47
N ILE A 736 8.49 34.26 13.80
CA ILE A 736 8.51 34.15 12.31
C ILE A 736 7.36 34.97 11.77
N PRO A 737 7.63 36.24 11.36
CA PRO A 737 6.59 37.15 10.85
C PRO A 737 5.83 36.56 9.66
N GLU A 738 6.54 35.88 8.75
CA GLU A 738 5.92 35.21 7.58
C GLU A 738 4.87 34.20 8.06
N LEU A 739 5.12 33.50 9.17
CA LEU A 739 4.21 32.45 9.69
C LEU A 739 3.00 33.11 10.35
N ARG A 740 3.21 34.16 11.12
CA ARG A 740 2.14 34.92 11.80
C ARG A 740 1.18 35.44 10.72
N GLN A 741 1.69 36.05 9.65
CA GLN A 741 0.84 36.52 8.53
C GLN A 741 -0.08 35.39 8.07
N ILE A 742 0.44 34.21 7.78
CA ILE A 742 -0.40 33.05 7.30
C ILE A 742 -1.50 32.74 8.33
N ILE A 743 -1.15 32.68 9.61
CA ILE A 743 -2.11 32.31 10.69
C ILE A 743 -3.19 33.38 10.78
N GLU A 744 -2.82 34.65 10.68
CA GLU A 744 -3.80 35.77 10.75
C GLU A 744 -4.70 35.67 9.51
N GLN A 745 -4.17 35.28 8.35
CA GLN A 745 -4.98 35.12 7.11
C GLN A 745 -5.98 33.99 7.30
N LEU A 746 -5.54 32.83 7.81
CA LEU A 746 -6.40 31.64 8.06
C LEU A 746 -7.56 32.00 9.00
N SER A 747 -7.23 32.60 10.15
CA SER A 747 -8.14 33.05 11.24
C SER A 747 -9.18 34.03 10.74
N SER A 748 -8.80 34.98 9.90
CA SER A 748 -9.62 36.19 9.62
C SER A 748 -10.56 35.95 8.44
N GLY A 749 -10.46 34.80 7.77
CA GLY A 749 -11.33 34.45 6.63
C GLY A 749 -10.79 34.95 5.29
N PHE A 750 -9.48 35.25 5.19
CA PHE A 750 -8.86 35.57 3.89
C PHE A 750 -9.17 34.45 2.90
N PHE A 751 -9.13 33.19 3.34
CA PHE A 751 -9.30 31.99 2.47
C PHE A 751 -10.73 31.44 2.55
N SER A 752 -11.62 32.07 3.32
CA SER A 752 -13.05 31.67 3.45
C SER A 752 -13.93 32.89 3.73
N PRO A 753 -14.12 33.79 2.73
CA PRO A 753 -14.79 35.07 2.92
C PRO A 753 -16.21 34.97 3.49
N LYS A 754 -17.01 34.04 2.99
CA LYS A 754 -18.43 33.88 3.37
C LYS A 754 -18.52 33.12 4.70
N GLN A 755 -17.47 32.40 5.11
CA GLN A 755 -17.37 31.68 6.41
C GLN A 755 -16.06 32.07 7.08
N PRO A 756 -15.96 33.24 7.74
CA PRO A 756 -14.67 33.70 8.27
C PRO A 756 -14.01 32.74 9.27
N ASP A 757 -14.78 31.94 10.01
CA ASP A 757 -14.25 31.06 11.08
C ASP A 757 -14.15 29.60 10.58
N LEU A 758 -14.25 29.37 9.28
CA LEU A 758 -14.31 28.00 8.70
C LEU A 758 -13.15 27.14 9.23
N PHE A 759 -11.95 27.73 9.35
CA PHE A 759 -10.66 27.03 9.61
C PHE A 759 -10.18 27.28 11.05
N LYS A 760 -11.07 27.61 11.99
CA LYS A 760 -10.66 27.88 13.40
C LYS A 760 -10.13 26.59 14.01
N ASP A 761 -10.66 25.44 13.62
CA ASP A 761 -10.19 24.14 14.16
C ASP A 761 -8.74 23.89 13.77
N ILE A 762 -8.36 24.28 12.55
CA ILE A 762 -6.99 24.09 11.98
C ILE A 762 -6.04 25.03 12.72
N VAL A 763 -6.38 26.32 12.82
CA VAL A 763 -5.55 27.31 13.55
C VAL A 763 -5.40 26.79 14.97
N ASN A 764 -6.52 26.39 15.60
CA ASN A 764 -6.54 26.01 17.03
C ASN A 764 -5.58 24.82 17.25
N MET A 765 -5.64 23.83 16.38
CA MET A 765 -4.79 22.63 16.49
C MET A 765 -3.32 23.01 16.29
N LEU A 766 -2.98 23.84 15.28
CA LEU A 766 -1.58 24.23 14.97
C LEU A 766 -0.97 25.01 16.15
N MET A 767 -1.77 25.87 16.79
CA MET A 767 -1.36 26.74 17.93
C MET A 767 -1.30 25.94 19.25
N HIS A 768 -2.17 24.96 19.51
CA HIS A 768 -2.30 24.37 20.88
C HIS A 768 -2.14 22.84 20.95
N HIS A 769 -2.42 22.06 19.91
CA HIS A 769 -2.50 20.57 20.03
C HIS A 769 -1.86 19.91 18.81
N ASP A 770 -0.76 20.46 18.28
CA ASP A 770 -0.08 19.89 17.09
C ASP A 770 0.89 18.80 17.58
N ARG A 771 0.49 17.53 17.44
CA ARG A 771 1.33 16.37 17.80
C ARG A 771 2.51 16.28 16.84
N PHE A 772 2.42 16.87 15.64
CA PHE A 772 3.39 16.63 14.54
C PHE A 772 4.24 17.87 14.23
N LYS A 773 4.11 18.94 15.03
CA LYS A 773 5.14 20.00 15.18
C LYS A 773 5.38 20.66 13.81
N VAL A 774 4.29 20.94 13.10
CA VAL A 774 4.30 21.59 11.76
C VAL A 774 5.15 22.85 11.80
N PHE A 775 4.97 23.72 12.79
CA PHE A 775 5.68 25.04 12.85
C PHE A 775 7.18 24.83 13.06
N ALA A 776 7.59 23.77 13.76
CA ALA A 776 9.01 23.53 14.11
C ALA A 776 9.82 23.29 12.84
N ASP A 777 9.20 22.80 11.77
CA ASP A 777 9.91 22.46 10.52
C ASP A 777 9.69 23.55 9.46
N TYR A 778 8.93 24.61 9.77
CA TYR A 778 8.45 25.57 8.75
C TYR A 778 9.65 26.32 8.16
N GLU A 779 10.44 26.99 8.99
CA GLU A 779 11.56 27.83 8.52
C GLU A 779 12.50 27.02 7.61
N GLU A 780 12.98 25.87 8.07
CA GLU A 780 13.94 25.02 7.33
C GLU A 780 13.31 24.47 6.04
N TYR A 781 12.01 24.16 6.03
CA TYR A 781 11.22 23.73 4.85
C TYR A 781 11.23 24.82 3.76
N VAL A 782 10.85 26.05 4.11
CA VAL A 782 10.76 27.19 3.15
C VAL A 782 12.16 27.46 2.58
N LYS A 783 13.20 27.49 3.40
CA LYS A 783 14.59 27.72 2.95
C LYS A 783 15.02 26.60 2.00
N CYS A 784 14.72 25.35 2.33
CA CYS A 784 15.08 24.18 1.50
C CYS A 784 14.29 24.24 0.17
N GLN A 785 13.01 24.65 0.19
CA GLN A 785 12.18 24.88 -1.03
C GLN A 785 12.79 25.96 -1.94
N GLU A 786 13.52 26.95 -1.38
CA GLU A 786 14.21 28.00 -2.20
C GLU A 786 15.37 27.32 -2.94
N ARG A 787 16.05 26.37 -2.31
CA ARG A 787 17.18 25.63 -2.94
C ARG A 787 16.66 24.76 -4.10
N VAL A 788 15.45 24.22 -4.01
CA VAL A 788 14.81 23.42 -5.09
C VAL A 788 14.61 24.33 -6.29
N SER A 789 14.02 25.51 -6.06
CA SER A 789 13.74 26.52 -7.10
C SER A 789 15.05 26.92 -7.80
N ALA A 790 16.09 27.16 -7.02
CA ALA A 790 17.43 27.60 -7.51
C ALA A 790 17.93 26.55 -8.46
N LEU A 791 17.84 25.26 -8.09
CA LEU A 791 18.39 24.19 -8.96
C LEU A 791 17.51 24.03 -10.21
N TYR A 792 16.20 24.26 -10.08
CA TYR A 792 15.27 24.10 -11.22
C TYR A 792 15.61 25.11 -12.33
N LYS A 793 16.14 26.28 -11.99
CA LYS A 793 16.60 27.33 -12.96
C LYS A 793 17.72 26.78 -13.86
N ASN A 794 18.42 25.75 -13.41
CA ASN A 794 19.59 25.15 -14.10
C ASN A 794 19.22 23.75 -14.58
N PRO A 795 18.44 23.62 -15.69
CA PRO A 795 17.96 22.32 -16.18
C PRO A 795 18.98 21.17 -16.21
N ARG A 796 20.19 21.48 -16.67
CA ARG A 796 21.26 20.49 -16.89
C ARG A 796 21.63 19.88 -15.54
N GLU A 797 21.83 20.72 -14.52
CA GLU A 797 22.26 20.25 -13.17
C GLU A 797 21.08 19.60 -12.43
N TRP A 798 19.85 20.03 -12.70
CA TRP A 798 18.63 19.35 -12.20
C TRP A 798 18.61 17.94 -12.79
N THR A 799 18.78 17.80 -14.10
CA THR A 799 18.65 16.50 -14.79
C THR A 799 19.81 15.59 -14.35
N ARG A 800 21.00 16.16 -14.11
CA ARG A 800 22.18 15.36 -13.64
C ARG A 800 21.88 14.80 -12.25
N MET A 801 21.32 15.61 -11.35
CA MET A 801 20.90 15.15 -10.01
C MET A 801 19.80 14.08 -10.15
N VAL A 802 18.86 14.27 -11.07
CA VAL A 802 17.80 13.26 -11.37
C VAL A 802 18.45 11.94 -11.75
N ILE A 803 19.44 11.97 -12.63
CA ILE A 803 20.15 10.74 -13.08
C ILE A 803 20.77 10.05 -11.87
N ARG A 804 21.36 10.80 -10.94
CA ARG A 804 22.06 10.24 -9.74
C ARG A 804 21.03 9.55 -8.83
N ASN A 805 19.76 9.99 -8.89
CA ASN A 805 18.64 9.43 -8.08
C ASN A 805 18.16 8.12 -8.73
N ILE A 806 17.73 8.17 -10.00
CA ILE A 806 17.31 6.98 -10.79
C ILE A 806 18.38 5.89 -10.67
N ALA A 807 19.65 6.26 -10.79
CA ALA A 807 20.81 5.35 -10.85
C ALA A 807 21.00 4.60 -9.53
N THR A 808 20.55 5.13 -8.39
CA THR A 808 20.77 4.55 -7.03
C THR A 808 19.44 4.03 -6.43
N SER A 809 18.38 3.90 -7.23
CA SER A 809 17.02 3.53 -6.75
C SER A 809 16.89 2.00 -6.69
N GLY A 810 17.91 1.24 -7.13
CA GLY A 810 17.90 -0.24 -7.17
C GLY A 810 17.50 -0.91 -5.84
N LYS A 811 18.02 -0.43 -4.72
CA LYS A 811 17.75 -1.04 -3.39
C LYS A 811 16.22 -1.10 -3.14
N PHE A 812 15.43 -0.26 -3.80
CA PHE A 812 14.03 0.01 -3.43
C PHE A 812 13.09 -0.83 -4.30
N SER A 813 13.65 -1.78 -5.03
CA SER A 813 12.90 -2.88 -5.69
C SER A 813 12.38 -3.87 -4.64
N SER A 814 11.09 -4.17 -4.71
CA SER A 814 10.45 -5.27 -3.93
C SER A 814 11.14 -6.61 -4.24
N ASP A 815 11.96 -6.75 -5.29
CA ASP A 815 12.69 -8.02 -5.52
C ASP A 815 13.76 -8.18 -4.44
N ARG A 816 14.46 -7.10 -4.11
CA ARG A 816 15.44 -7.10 -3.00
C ARG A 816 14.70 -7.43 -1.71
N THR A 817 13.59 -6.75 -1.43
CA THR A 817 12.82 -6.95 -0.17
C THR A 817 12.45 -8.43 -0.01
N ILE A 818 11.86 -9.04 -1.04
CA ILE A 818 11.29 -10.42 -0.95
C ILE A 818 12.44 -11.41 -0.83
N ALA A 819 13.53 -11.22 -1.58
CA ALA A 819 14.74 -12.05 -1.46
C ALA A 819 15.22 -12.01 -0.01
N GLN A 820 15.09 -10.87 0.67
CA GLN A 820 15.53 -10.75 2.08
C GLN A 820 14.54 -11.51 2.98
N TYR A 821 13.22 -11.31 2.81
CA TYR A 821 12.20 -12.10 3.54
C TYR A 821 12.47 -13.60 3.35
N ALA A 822 12.72 -14.03 2.12
CA ALA A 822 12.92 -15.45 1.72
C ALA A 822 14.13 -16.06 2.43
N ARG A 823 15.29 -15.40 2.37
CA ARG A 823 16.55 -15.95 2.94
C ARG A 823 16.54 -15.85 4.46
N GLU A 824 16.01 -14.78 5.05
CA GLU A 824 16.25 -14.43 6.48
C GLU A 824 15.02 -14.71 7.35
N ILE A 825 13.86 -15.02 6.76
CA ILE A 825 12.62 -15.32 7.52
C ILE A 825 12.01 -16.65 7.06
N TRP A 826 11.76 -16.83 5.77
CA TRP A 826 10.94 -17.97 5.26
C TRP A 826 11.80 -19.22 5.09
N GLY A 827 13.11 -19.08 4.85
CA GLY A 827 14.06 -20.19 4.69
C GLY A 827 13.89 -20.87 3.33
N VAL A 828 13.70 -20.08 2.28
CA VAL A 828 13.60 -20.55 0.86
C VAL A 828 14.52 -19.69 0.00
N GLU A 829 14.97 -20.25 -1.13
CA GLU A 829 15.92 -19.58 -2.04
C GLU A 829 15.12 -19.03 -3.21
N PRO A 830 15.17 -17.71 -3.48
CA PRO A 830 14.56 -17.18 -4.70
C PRO A 830 15.22 -17.81 -5.93
N SER A 831 14.57 -17.73 -7.08
CA SER A 831 15.08 -18.29 -8.36
C SER A 831 14.59 -17.38 -9.50
N ARG A 832 15.43 -17.15 -10.52
CA ARG A 832 15.04 -16.37 -11.75
C ARG A 832 14.90 -17.33 -12.95
N GLN A 833 15.01 -18.64 -12.72
CA GLN A 833 14.84 -19.67 -13.78
C GLN A 833 13.38 -19.73 -14.24
N ARG A 834 13.18 -19.69 -15.56
CA ARG A 834 11.87 -19.86 -16.24
C ARG A 834 11.33 -21.28 -16.01
N LEU A 835 10.04 -21.40 -15.71
CA LEU A 835 9.24 -22.61 -16.03
C LEU A 835 9.14 -22.72 -17.55
N PRO A 836 9.01 -23.95 -18.11
CA PRO A 836 8.76 -24.11 -19.55
C PRO A 836 7.35 -23.60 -19.90
N ALA A 837 7.20 -22.98 -21.08
CA ALA A 837 5.91 -22.46 -21.61
C ALA A 837 4.97 -23.64 -21.89
C11 KVQ B . -3.32 0.46 7.00
C10 KVQ B . -4.66 0.12 6.92
C8 KVQ B . -4.75 -0.10 9.30
C7 KVQ B . -3.40 0.25 9.37
C4 KVQ B . -1.35 0.88 8.22
C9 KVQ B . -5.38 -0.17 8.08
C6 KVQ B . -2.66 0.54 8.20
N5 KVQ B . -0.61 1.27 7.15
S3 KVQ B . -0.31 0.91 9.55
C2 KVQ B . 1.01 1.41 8.73
C1 KVQ B . 0.67 1.55 7.45
C1' KVQ B . 1.66 1.98 6.37
O5' KVQ B . 2.35 0.80 5.92
C5' KVQ B . 3.13 1.14 4.80
C6' KVQ B . 3.72 -0.16 4.22
O6' KVQ B . 4.79 -0.67 5.03
C4' KVQ B . 4.26 2.09 5.22
O4' KVQ B . 5.08 2.45 4.10
C3' KVQ B . 3.72 3.37 5.84
O3' KVQ B . 4.84 4.13 6.40
C2' KVQ B . 2.69 2.99 6.93
O2' KVQ B . 2.00 4.13 7.40
N1 PLP C . -1.70 5.18 -2.36
C2 PLP C . -1.41 4.75 -3.59
C2A PLP C . -2.49 4.73 -4.61
C3 PLP C . -0.12 4.33 -3.90
O3 PLP C . 0.13 3.91 -5.17
C4 PLP C . 0.88 4.36 -2.93
C4A PLP C . 2.23 3.90 -3.27
C5 PLP C . 0.55 4.83 -1.65
C6 PLP C . -0.75 5.21 -1.42
C5A PLP C . 1.55 4.93 -0.54
O4P PLP C . 2.15 6.25 -0.60
P PLP C . 2.87 6.94 0.68
O1P PLP C . 3.36 8.28 0.12
O2P PLP C . 4.00 5.99 1.06
O3P PLP C . 1.82 7.11 1.78
#